data_2G0T
#
_entry.id   2G0T
#
_cell.length_a   191.634
_cell.length_b   191.634
_cell.length_c   191.634
_cell.angle_alpha   90.000
_cell.angle_beta   90.000
_cell.angle_gamma   90.000
#
_symmetry.space_group_name_H-M   'P 41 3 2'
#
loop_
_entity.id
_entity.type
_entity.pdbx_description
1 polymer 'conserved hypothetical protein'
2 non-polymer 'PHOSPHATE ION'
3 non-polymer 1,2-ETHANEDIOL
4 non-polymer 'FORMIC ACID'
5 water water
#
_entity_poly.entity_id   1
_entity_poly.type   'polypeptide(L)'
_entity_poly.pdbx_seq_one_letter_code
;(MSE)GSDKIHHHHHH(MSE)DLWKLYQPGTPAAIVAWGQLGTAHAKTTYGLLRHSRLFKPVCVVAEHEGK(MSE)ASDF
VKPVRYDVPVVSSVEKAKE(MSE)GAEVLIIGVSNPGGYLEEQIATLVKKALSLG(MSE)DVISGLHFKISQQTEFLKIA
HENGTRIIDIRIPPLELDVLRGGIYRKKIKVVGVFGTDCVVGKRTTAVQLWERALEKGIKAGFLATGQTGILIGADAGYV
IDAVPADFVSGVVEKAVLKLEKTGKEIVFVEGQGALRHPAYGQVTLGLLYGSNPDVVFLVHDPSRDHFESFPEIPKKPDF
EEERRLIETLSNAKVIGGVSLNGGFETDLPVYDPFNTDDLDE(MSE)LERA(MSE)VW
;
_entity_poly.pdbx_strand_id   A,B
#
# COMPACT_ATOMS: atom_id res chain seq x y z
N HIS A 12 15.99 1.26 -2.86
CA HIS A 12 16.80 2.19 -3.69
C HIS A 12 18.22 2.28 -3.11
N ASP A 14 21.22 1.27 -0.57
CA ASP A 14 21.71 0.17 0.26
C ASP A 14 22.75 0.82 1.17
N LEU A 15 22.45 0.95 2.45
CA LEU A 15 23.40 1.55 3.37
C LEU A 15 24.76 0.84 3.38
N TRP A 16 24.76 -0.48 3.23
CA TRP A 16 25.99 -1.25 3.18
C TRP A 16 26.84 -0.98 1.95
N LYS A 17 26.23 -0.57 0.83
CA LYS A 17 27.02 -0.25 -0.37
C LYS A 17 27.57 1.18 -0.27
N LEU A 18 27.15 2.00 0.69
CA LEU A 18 27.59 3.38 0.88
C LEU A 18 28.52 3.62 2.06
N TYR A 19 28.45 2.80 3.11
CA TYR A 19 29.25 3.00 4.31
C TYR A 19 30.01 1.77 4.78
N GLN A 20 31.25 2.04 5.16
CA GLN A 20 32.21 1.06 5.64
C GLN A 20 31.69 0.68 7.04
N PRO A 21 31.75 -0.60 7.43
CA PRO A 21 31.27 -1.00 8.75
C PRO A 21 31.98 -0.24 9.86
N GLY A 22 31.22 0.13 10.88
CA GLY A 22 31.77 0.89 11.99
C GLY A 22 31.97 2.35 11.60
N THR A 23 31.19 2.85 10.67
CA THR A 23 31.27 4.26 10.31
C THR A 23 30.71 5.00 11.53
N PRO A 24 31.49 5.90 12.14
CA PRO A 24 30.98 6.62 13.32
C PRO A 24 29.78 7.52 13.00
N ALA A 25 28.76 7.43 13.85
CA ALA A 25 27.53 8.20 13.65
C ALA A 25 27.05 8.96 14.88
N ALA A 26 26.51 10.16 14.65
CA ALA A 26 25.95 11.01 15.68
C ALA A 26 24.45 10.77 15.49
N ILE A 27 23.70 10.47 16.54
CA ILE A 27 22.27 10.17 16.44
C ILE A 27 21.40 11.30 16.98
N VAL A 28 20.49 11.85 16.17
CA VAL A 28 19.64 12.94 16.61
C VAL A 28 18.38 12.46 17.32
N ALA A 29 18.26 12.84 18.58
CA ALA A 29 17.10 12.52 19.41
C ALA A 29 16.45 13.80 19.95
N TRP A 30 16.80 14.96 19.39
CA TRP A 30 16.36 16.29 19.80
C TRP A 30 14.84 16.36 20.09
N GLY A 31 14.50 16.86 21.27
CA GLY A 31 13.14 17.02 21.77
C GLY A 31 12.32 15.80 22.14
N GLN A 32 12.87 14.59 21.96
CA GLN A 32 12.21 13.33 22.26
C GLN A 32 13.03 12.35 23.09
N LEU A 33 14.20 12.76 23.54
CA LEU A 33 15.06 11.88 24.33
C LEU A 33 14.35 11.62 25.65
N GLY A 34 14.15 10.35 26.00
CA GLY A 34 13.47 9.96 27.24
C GLY A 34 11.99 9.72 27.01
N THR A 35 11.51 9.66 25.77
CA THR A 35 10.10 9.40 25.46
C THR A 35 9.99 8.18 24.56
N ALA A 36 8.76 7.72 24.34
CA ALA A 36 8.52 6.57 23.47
C ALA A 36 8.86 6.89 22.01
N HIS A 37 8.75 8.17 21.65
CA HIS A 37 8.97 8.67 20.29
C HIS A 37 10.40 8.54 19.71
N ALA A 38 11.42 8.40 20.55
CA ALA A 38 12.81 8.26 20.11
C ALA A 38 13.25 6.80 19.94
N LYS A 39 12.31 5.94 19.55
CA LYS A 39 12.50 4.50 19.35
C LYS A 39 13.72 4.22 18.46
N THR A 40 13.88 4.95 17.36
CA THR A 40 15.02 4.75 16.46
C THR A 40 16.33 4.97 17.20
N THR A 41 16.44 6.02 18.02
CA THR A 41 17.66 6.26 18.79
C THR A 41 17.92 5.07 19.70
N TYR A 42 16.86 4.55 20.32
CA TYR A 42 17.00 3.41 21.23
C TYR A 42 17.44 2.14 20.50
N GLY A 43 16.85 1.86 19.34
CA GLY A 43 17.23 0.69 18.54
C GLY A 43 18.72 0.78 18.23
N LEU A 44 19.20 1.95 17.81
CA LEU A 44 20.62 2.15 17.48
C LEU A 44 21.58 1.97 18.66
N LEU A 45 21.23 2.56 19.80
CA LEU A 45 22.08 2.41 20.97
C LEU A 45 22.12 1.00 21.55
N ARG A 46 21.12 0.18 21.24
CA ARG A 46 21.06 -1.21 21.70
C ARG A 46 21.52 -2.24 20.67
N HIS A 47 21.33 -1.95 19.39
CA HIS A 47 21.65 -2.91 18.33
C HIS A 47 22.31 -2.42 17.05
N SER A 48 22.76 -1.18 16.97
CA SER A 48 23.38 -0.72 15.72
C SER A 48 24.50 -1.66 15.31
N ARG A 49 24.45 -2.14 14.08
CA ARG A 49 25.45 -3.06 13.53
C ARG A 49 26.36 -2.49 12.46
N LEU A 50 25.85 -1.54 11.69
CA LEU A 50 26.61 -0.90 10.61
C LEU A 50 27.36 0.33 11.15
N PHE A 51 26.61 1.29 11.68
CA PHE A 51 27.16 2.51 12.25
C PHE A 51 27.57 2.32 13.70
N LYS A 52 28.66 2.97 14.12
CA LYS A 52 29.20 2.95 15.47
C LYS A 52 28.72 4.24 16.10
N PRO A 53 27.77 4.16 17.06
CA PRO A 53 27.30 5.40 17.70
C PRO A 53 28.40 6.05 18.50
N VAL A 54 28.63 7.33 18.23
CA VAL A 54 29.64 8.16 18.88
C VAL A 54 29.01 9.09 19.90
N CYS A 55 27.81 9.61 19.62
CA CYS A 55 27.10 10.50 20.52
C CYS A 55 25.63 10.66 20.12
N VAL A 56 24.87 11.31 20.98
CA VAL A 56 23.47 11.60 20.74
C VAL A 56 23.37 13.12 20.70
N VAL A 57 22.69 13.63 19.67
CA VAL A 57 22.49 15.05 19.51
C VAL A 57 21.10 15.36 20.06
N ALA A 58 21.09 16.00 21.21
CA ALA A 58 19.88 16.42 21.90
C ALA A 58 20.21 17.62 22.77
N GLU A 59 19.18 18.33 23.19
CA GLU A 59 19.28 19.52 24.03
C GLU A 59 19.77 19.34 25.48
N HIS A 60 20.57 18.33 25.78
CA HIS A 60 21.03 18.04 27.14
C HIS A 60 22.55 17.87 27.25
N GLU A 61 23.22 19.02 27.19
CA GLU A 61 24.67 19.16 27.32
C GLU A 61 25.15 18.51 28.62
N GLY A 62 26.23 17.73 28.60
CA GLY A 62 26.81 17.09 29.80
C GLY A 62 26.27 15.78 30.36
N LYS A 63 25.19 15.27 29.79
CA LYS A 63 24.55 14.02 30.21
C LYS A 63 25.03 12.88 29.31
N ALA A 65 23.68 9.02 27.44
CA ALA A 65 22.49 8.38 26.89
C ALA A 65 21.80 7.57 27.99
N SER A 66 22.61 6.87 28.80
CA SER A 66 22.12 6.06 29.91
C SER A 66 21.28 6.85 30.92
N ASP A 67 21.46 8.16 31.03
CA ASP A 67 20.66 9.00 31.94
C ASP A 67 19.21 9.18 31.46
N PHE A 68 18.90 8.80 30.21
CA PHE A 68 17.55 8.93 29.65
C PHE A 68 16.90 7.63 29.27
N VAL A 69 17.71 6.64 28.94
CA VAL A 69 17.26 5.31 28.53
C VAL A 69 18.28 4.30 29.06
N LYS A 70 17.74 3.21 29.62
CA LYS A 70 18.54 2.14 30.22
C LYS A 70 17.73 0.86 30.08
N PRO A 71 18.35 -0.27 29.70
CA PRO A 71 19.76 -0.46 29.35
C PRO A 71 20.06 -0.21 27.86
N VAL A 72 21.36 0.03 27.66
CA VAL A 72 21.93 0.30 26.35
C VAL A 72 23.25 -0.41 26.13
N ARG A 73 23.53 -0.76 24.88
CA ARG A 73 24.75 -1.43 24.48
C ARG A 73 25.82 -0.37 24.20
N TYR A 74 25.50 0.74 23.55
CA TYR A 74 26.44 1.82 23.25
C TYR A 74 26.05 3.08 24.04
N ASP A 75 26.63 3.20 25.23
CA ASP A 75 26.37 4.35 26.08
C ASP A 75 27.30 5.40 25.46
N VAL A 76 26.74 6.56 25.10
CA VAL A 76 27.52 7.63 24.49
C VAL A 76 27.11 8.98 25.06
N PRO A 77 27.97 10.00 24.89
CA PRO A 77 27.58 11.30 25.45
C PRO A 77 26.46 11.98 24.66
N VAL A 78 25.79 12.89 25.34
CA VAL A 78 24.71 13.68 24.73
C VAL A 78 25.36 15.05 24.54
N VAL A 79 25.39 15.50 23.29
CA VAL A 79 25.95 16.80 22.91
C VAL A 79 24.79 17.59 22.31
N SER A 80 24.84 18.90 22.48
CA SER A 80 23.78 19.80 22.01
C SER A 80 24.02 20.49 20.67
N SER A 81 25.09 20.16 19.94
CA SER A 81 25.36 20.77 18.65
C SER A 81 26.02 19.79 17.71
N VAL A 82 25.77 19.98 16.42
CA VAL A 82 26.35 19.13 15.39
C VAL A 82 27.87 19.34 15.37
N GLU A 83 28.33 20.55 15.68
CA GLU A 83 29.76 20.89 15.71
C GLU A 83 30.48 19.99 16.70
N LYS A 84 29.95 19.88 17.92
CA LYS A 84 30.59 19.04 18.94
C LYS A 84 30.55 17.60 18.45
N ALA A 85 29.49 17.17 17.77
CA ALA A 85 29.41 15.82 17.21
C ALA A 85 30.53 15.56 16.19
N LYS A 86 30.87 16.55 15.38
CA LYS A 86 31.95 16.41 14.41
C LYS A 86 33.29 16.37 15.15
N GLU A 87 33.44 17.16 16.21
CA GLU A 87 34.66 17.16 17.02
C GLU A 87 35.00 15.77 17.54
N GLY A 89 34.57 12.91 15.86
CA GLY A 89 34.76 11.99 14.75
C GLY A 89 33.52 11.47 14.09
N ALA A 90 32.35 12.05 14.38
CA ALA A 90 31.13 11.58 13.73
C ALA A 90 31.21 12.00 12.26
N GLU A 91 30.98 11.03 11.37
CA GLU A 91 30.99 11.26 9.92
C GLU A 91 29.61 11.33 9.31
N VAL A 92 28.59 10.80 9.98
CA VAL A 92 27.22 10.86 9.50
C VAL A 92 26.28 11.27 10.63
N LEU A 93 25.17 11.88 10.26
CA LEU A 93 24.15 12.30 11.21
C LEU A 93 22.94 11.41 10.93
N ILE A 94 22.49 10.65 11.92
CA ILE A 94 21.31 9.80 11.79
C ILE A 94 20.13 10.43 12.50
N ILE A 95 18.99 10.52 11.83
CA ILE A 95 17.79 11.08 12.43
C ILE A 95 17.09 9.97 13.20
N GLY A 96 17.15 10.03 14.53
CA GLY A 96 16.53 9.05 15.43
C GLY A 96 15.30 9.50 16.20
N VAL A 97 14.47 10.34 15.58
CA VAL A 97 13.23 10.85 16.15
C VAL A 97 12.09 10.39 15.25
N SER A 98 10.90 10.33 15.85
CA SER A 98 9.71 9.86 15.16
C SER A 98 8.60 10.89 15.28
N ASN A 99 7.97 11.17 14.13
CA ASN A 99 6.90 12.14 13.86
C ASN A 99 6.74 13.23 14.91
N PRO A 100 7.58 14.28 14.78
CA PRO A 100 7.59 15.40 15.68
C PRO A 100 6.63 16.50 15.22
N GLY A 101 6.37 17.49 16.09
CA GLY A 101 5.49 18.60 15.75
C GLY A 101 6.23 19.45 14.73
N GLY A 102 5.51 20.33 14.04
CA GLY A 102 6.12 21.20 13.04
C GLY A 102 7.27 22.02 13.58
N TYR A 103 7.17 22.40 14.85
CA TYR A 103 8.20 23.21 15.50
C TYR A 103 9.49 22.41 15.74
N LEU A 104 9.36 21.15 16.20
CA LEU A 104 10.52 20.29 16.41
C LEU A 104 11.14 19.94 15.07
N GLU A 105 10.28 19.65 14.08
CA GLU A 105 10.65 19.32 12.71
C GLU A 105 11.59 20.39 12.13
N GLU A 106 11.29 21.66 12.43
CA GLU A 106 12.11 22.79 11.97
C GLU A 106 13.50 22.77 12.63
N GLN A 107 13.58 22.47 13.93
CA GLN A 107 14.87 22.41 14.63
C GLN A 107 15.70 21.26 14.06
N ILE A 108 15.06 20.16 13.68
CA ILE A 108 15.76 19.03 13.10
C ILE A 108 16.31 19.39 11.72
N ALA A 109 15.50 20.07 10.90
CA ALA A 109 15.92 20.51 9.57
C ALA A 109 17.15 21.40 9.70
N THR A 110 17.28 22.16 10.78
CA THR A 110 18.44 23.02 11.00
C THR A 110 19.66 22.14 11.24
N LEU A 111 19.47 21.12 12.06
CA LEU A 111 20.53 20.17 12.38
C LEU A 111 21.05 19.47 11.13
N VAL A 112 20.13 19.07 10.26
CA VAL A 112 20.43 18.43 8.99
C VAL A 112 21.27 19.35 8.11
N LYS A 113 20.82 20.59 7.99
CA LYS A 113 21.53 21.58 7.17
C LYS A 113 22.94 21.83 7.67
N LYS A 114 23.10 21.84 8.99
CA LYS A 114 24.40 22.08 9.62
C LYS A 114 25.36 20.94 9.32
N ALA A 115 24.88 19.71 9.50
CA ALA A 115 25.64 18.50 9.24
C ALA A 115 26.12 18.47 7.78
N LEU A 116 25.19 18.67 6.85
CA LEU A 116 25.51 18.70 5.43
C LEU A 116 26.58 19.75 5.14
N SER A 117 26.50 20.89 5.82
CA SER A 117 27.47 21.94 5.62
C SER A 117 28.81 21.70 6.30
N LEU A 118 28.89 20.75 7.23
CA LEU A 118 30.13 20.44 7.94
C LEU A 118 30.74 19.15 7.39
N GLY A 119 30.46 18.80 6.13
CA GLY A 119 31.03 17.61 5.53
C GLY A 119 30.50 16.26 5.98
N ASP A 121 27.35 13.34 6.02
CA ASP A 121 26.16 12.82 5.36
C ASP A 121 25.06 12.76 6.39
N VAL A 122 23.82 12.73 5.91
CA VAL A 122 22.66 12.67 6.79
C VAL A 122 21.81 11.49 6.34
N ILE A 123 21.45 10.62 7.27
CA ILE A 123 20.60 9.47 6.98
C ILE A 123 19.32 9.74 7.78
N SER A 124 18.21 9.78 7.07
CA SER A 124 16.91 10.07 7.62
C SER A 124 15.81 9.26 6.99
N GLY A 125 14.83 8.93 7.82
CA GLY A 125 13.65 8.19 7.36
C GLY A 125 12.41 8.99 7.74
N LEU A 126 12.58 10.27 8.02
CA LEU A 126 11.49 11.13 8.45
C LEU A 126 10.92 11.92 7.29
N HIS A 127 9.59 12.03 7.28
CA HIS A 127 8.90 12.74 6.22
C HIS A 127 8.76 14.23 6.48
N PHE A 128 9.05 15.10 5.51
CA PHE A 128 8.88 16.55 5.71
C PHE A 128 7.63 17.00 4.92
N SER A 131 9.55 18.75 0.44
CA SER A 131 9.09 19.80 1.33
C SER A 131 10.33 20.69 1.47
N GLN A 132 11.26 20.34 2.36
CA GLN A 132 12.52 21.08 2.52
C GLN A 132 13.60 20.28 1.76
N GLN A 133 13.25 19.40 0.82
CA GLN A 133 14.23 18.58 0.07
C GLN A 133 14.96 19.38 -1.03
N THR A 134 14.54 20.62 -1.28
CA THR A 134 15.20 21.51 -2.25
C THR A 134 16.51 22.02 -1.62
N GLU A 135 16.33 22.52 -0.40
CA GLU A 135 17.41 23.11 0.39
C GLU A 135 18.35 22.01 0.81
N PHE A 136 17.88 20.85 1.27
CA PHE A 136 18.83 19.81 1.68
C PHE A 136 19.69 19.39 0.50
N LEU A 137 19.10 19.30 -0.69
CA LEU A 137 19.87 18.92 -1.88
C LEU A 137 20.83 20.04 -2.29
N LYS A 138 20.39 21.30 -2.21
CA LYS A 138 21.25 22.41 -2.57
C LYS A 138 22.47 22.40 -1.66
N ILE A 139 22.28 22.32 -0.36
CA ILE A 139 23.37 22.36 0.61
C ILE A 139 24.25 21.11 0.56
N ALA A 140 23.66 19.97 0.22
CA ALA A 140 24.35 18.70 0.07
C ALA A 140 25.26 18.85 -1.14
N HIS A 141 24.72 19.24 -2.29
CA HIS A 141 25.51 19.48 -3.50
C HIS A 141 26.42 20.65 -3.16
N GLU A 142 25.94 21.76 -2.55
CA GLU A 142 26.87 22.86 -2.28
C GLU A 142 28.03 22.49 -1.39
N ASN A 143 27.91 21.48 -0.55
CA ASN A 143 29.03 21.06 0.31
C ASN A 143 29.59 19.67 0.11
N GLY A 144 29.18 19.02 -0.98
CA GLY A 144 29.71 17.70 -1.27
C GLY A 144 29.23 16.63 -0.31
N THR A 145 28.11 16.88 0.36
CA THR A 145 27.53 15.90 1.28
C THR A 145 26.27 15.38 0.62
N ARG A 146 25.64 14.41 1.28
CA ARG A 146 24.39 13.84 0.78
C ARG A 146 23.38 13.53 1.87
N ILE A 147 22.12 13.72 1.53
CA ILE A 147 20.98 13.49 2.38
C ILE A 147 20.43 12.16 1.90
N ILE A 148 20.52 11.09 2.69
CA ILE A 148 20.01 9.78 2.28
C ILE A 148 18.62 9.65 2.89
N ASP A 149 17.59 9.61 2.05
CA ASP A 149 16.20 9.48 2.49
C ASP A 149 15.79 8.02 2.32
N ILE A 150 15.79 7.27 3.43
CA ILE A 150 15.45 5.85 3.43
C ILE A 150 13.94 5.58 3.38
N ARG A 151 13.10 6.58 3.60
CA ARG A 151 11.63 6.45 3.59
CA ARG A 151 11.64 6.49 3.59
C ARG A 151 11.07 6.51 2.18
N ILE A 152 11.66 7.31 1.30
CA ILE A 152 11.14 7.43 -0.08
C ILE A 152 11.31 6.09 -0.76
N PRO A 153 10.22 5.58 -1.36
CA PRO A 153 10.33 4.29 -2.05
C PRO A 153 11.00 4.48 -3.40
N PRO A 154 11.60 3.42 -3.94
CA PRO A 154 12.23 3.54 -5.27
C PRO A 154 11.21 3.97 -6.32
N LEU A 155 11.66 4.61 -7.41
CA LEU A 155 10.80 5.04 -8.52
C LEU A 155 10.53 3.86 -9.46
N GLU A 156 11.54 3.00 -9.62
CA GLU A 156 11.48 1.84 -10.50
C GLU A 156 10.96 0.68 -9.63
N LEU A 157 9.65 0.45 -9.73
CA LEU A 157 8.94 -0.58 -8.98
C LEU A 157 8.05 -1.51 -9.77
N ASP A 158 7.87 -2.73 -9.26
CA ASP A 158 6.99 -3.68 -9.90
C ASP A 158 6.30 -4.50 -8.82
N VAL A 159 5.19 -5.10 -9.22
CA VAL A 159 4.42 -5.96 -8.34
C VAL A 159 5.10 -7.32 -8.29
N LEU A 160 4.71 -8.12 -7.31
CA LEU A 160 5.24 -9.47 -7.14
C LEU A 160 4.95 -10.28 -8.39
N ARG A 161 5.97 -10.97 -8.92
CA ARG A 161 5.85 -11.77 -10.14
C ARG A 161 5.91 -13.29 -9.97
N GLY A 162 6.30 -13.77 -8.80
CA GLY A 162 6.36 -15.20 -8.53
C GLY A 162 7.68 -15.76 -8.09
N GLY A 163 8.77 -15.01 -8.25
CA GLY A 163 10.10 -15.46 -7.83
C GLY A 163 10.22 -16.01 -6.42
N ILE A 164 9.37 -15.55 -5.51
CA ILE A 164 9.33 -15.96 -4.11
C ILE A 164 8.91 -17.42 -3.95
N TYR A 165 8.12 -17.94 -4.87
CA TYR A 165 7.68 -19.33 -4.91
C TYR A 165 8.81 -20.27 -5.32
N ARG A 166 9.88 -19.74 -5.89
CA ARG A 166 11.07 -20.48 -6.34
C ARG A 166 12.28 -20.16 -5.47
N LYS A 167 12.03 -19.72 -4.25
CA LYS A 167 13.14 -19.37 -3.39
C LYS A 167 13.80 -20.63 -2.84
N LYS A 168 15.03 -20.44 -2.41
CA LYS A 168 15.89 -21.45 -1.78
C LYS A 168 16.11 -21.14 -0.30
N ILE A 169 16.33 -19.87 0.00
CA ILE A 169 16.57 -19.39 1.35
C ILE A 169 15.43 -19.63 2.33
N LYS A 170 15.78 -19.98 3.57
CA LYS A 170 14.83 -20.26 4.64
C LYS A 170 14.29 -18.92 5.12
N VAL A 171 12.97 -18.77 5.24
CA VAL A 171 12.41 -17.50 5.66
C VAL A 171 11.62 -17.66 6.95
N VAL A 172 11.99 -16.81 7.91
CA VAL A 172 11.42 -16.77 9.24
C VAL A 172 10.73 -15.42 9.40
N GLY A 173 9.41 -15.45 9.51
CA GLY A 173 8.61 -14.25 9.68
C GLY A 173 8.50 -14.02 11.17
N VAL A 174 8.70 -12.79 11.62
CA VAL A 174 8.58 -12.45 13.03
C VAL A 174 7.39 -11.48 12.98
N PHE A 175 6.21 -12.04 13.19
CA PHE A 175 4.93 -11.33 13.16
C PHE A 175 4.45 -11.06 14.58
N GLY A 176 3.37 -10.29 14.67
CA GLY A 176 2.78 -9.96 15.96
C GLY A 176 1.27 -9.82 15.87
N THR A 177 0.65 -9.64 17.03
CA THR A 177 -0.79 -9.47 17.16
C THR A 177 -1.18 -7.99 17.21
N ASP A 178 -0.19 -7.09 17.25
CA ASP A 178 -0.41 -5.64 17.26
C ASP A 178 0.89 -5.00 16.77
N CYS A 179 0.88 -3.68 16.72
CA CYS A 179 2.06 -2.91 16.39
C CYS A 179 2.78 -2.77 17.72
N VAL A 180 4.03 -2.32 17.68
CA VAL A 180 4.79 -2.02 18.90
C VAL A 180 4.70 -3.09 20.02
N VAL A 181 4.95 -4.35 19.68
CA VAL A 181 4.94 -5.49 20.63
C VAL A 181 6.28 -6.18 20.78
N GLY A 182 7.29 -5.83 19.99
CA GLY A 182 8.61 -6.47 20.08
C GLY A 182 8.97 -7.29 18.86
N LYS A 183 8.27 -7.12 17.74
CA LYS A 183 8.57 -7.85 16.51
C LYS A 183 10.02 -7.60 16.06
N ARG A 184 10.38 -6.33 15.91
CA ARG A 184 11.73 -5.99 15.47
C ARG A 184 12.78 -6.44 16.48
N THR A 185 12.52 -6.18 17.75
CA THR A 185 13.43 -6.63 18.80
C THR A 185 13.67 -8.13 18.72
N THR A 186 12.62 -8.92 18.49
CA THR A 186 12.70 -10.37 18.37
C THR A 186 13.48 -10.76 17.12
N ALA A 187 13.22 -10.12 15.98
CA ALA A 187 13.98 -10.46 14.77
C ALA A 187 15.46 -10.11 14.93
N VAL A 188 15.79 -8.98 15.55
CA VAL A 188 17.18 -8.57 15.75
C VAL A 188 17.89 -9.51 16.75
N GLN A 189 17.23 -9.91 17.82
CA GLN A 189 17.84 -10.81 18.78
C GLN A 189 18.21 -12.14 18.10
N LEU A 190 17.30 -12.62 17.24
CA LEU A 190 17.50 -13.85 16.51
C LEU A 190 18.67 -13.71 15.57
N TRP A 191 18.67 -12.61 14.81
CA TRP A 191 19.73 -12.31 13.86
C TRP A 191 21.13 -12.30 14.46
N GLU A 192 21.27 -11.55 15.54
CA GLU A 192 22.54 -11.45 16.27
C GLU A 192 22.99 -12.79 16.82
N ARG A 193 22.04 -13.61 17.26
CA ARG A 193 22.41 -14.90 17.83
C ARG A 193 22.89 -15.84 16.72
N ALA A 194 22.24 -15.82 15.57
CA ALA A 194 22.63 -16.66 14.44
C ALA A 194 24.05 -16.28 13.98
N LEU A 195 24.28 -14.98 13.85
CA LEU A 195 25.58 -14.45 13.46
C LEU A 195 26.69 -14.88 14.41
N GLU A 196 26.45 -14.80 15.71
CA GLU A 196 27.42 -15.25 16.73
C GLU A 196 27.68 -16.73 16.59
N LYS A 197 26.74 -17.52 16.11
CA LYS A 197 26.93 -18.95 15.92
C LYS A 197 27.52 -19.29 14.53
N GLY A 198 27.92 -18.30 13.73
CA GLY A 198 28.48 -18.53 12.40
C GLY A 198 27.50 -18.80 11.27
N ILE A 199 26.20 -18.66 11.54
CA ILE A 199 25.15 -18.87 10.56
C ILE A 199 25.14 -17.64 9.64
N LYS A 200 25.04 -17.85 8.32
CA LYS A 200 25.03 -16.74 7.34
C LYS A 200 23.57 -16.25 7.33
N ALA A 201 23.29 -15.42 8.32
CA ALA A 201 21.97 -14.87 8.60
C ALA A 201 21.73 -13.44 8.12
N GLY A 202 20.54 -13.27 7.54
CA GLY A 202 20.15 -11.97 7.05
C GLY A 202 18.97 -11.44 7.82
N PHE A 203 18.86 -10.12 7.87
CA PHE A 203 17.75 -9.41 8.51
C PHE A 203 17.13 -8.50 7.45
N LEU A 204 15.84 -8.69 7.21
CA LEU A 204 15.07 -7.95 6.23
C LEU A 204 14.23 -6.99 7.05
N ALA A 205 14.62 -5.73 7.03
CA ALA A 205 13.92 -4.70 7.79
C ALA A 205 12.75 -4.17 6.98
N THR A 206 11.73 -3.67 7.67
CA THR A 206 10.52 -3.15 7.04
C THR A 206 10.10 -1.74 7.47
N GLY A 207 10.96 -1.12 8.27
CA GLY A 207 10.76 0.22 8.76
C GLY A 207 12.09 0.93 8.99
N GLN A 208 11.96 2.20 9.34
CA GLN A 208 13.03 3.13 9.63
C GLN A 208 14.09 2.51 10.53
N THR A 209 13.71 2.12 11.75
CA THR A 209 14.69 1.59 12.70
C THR A 209 15.48 0.36 12.25
N GLY A 210 14.80 -0.65 11.70
CA GLY A 210 15.50 -1.84 11.23
C GLY A 210 16.55 -1.52 10.18
N ILE A 211 16.25 -0.58 9.26
CA ILE A 211 17.19 -0.18 8.21
C ILE A 211 18.46 0.47 8.80
N LEU A 212 18.24 1.46 9.65
CA LEU A 212 19.31 2.20 10.33
C LEU A 212 20.21 1.32 11.20
N ILE A 213 19.68 0.26 11.79
CA ILE A 213 20.53 -0.60 12.61
C ILE A 213 21.45 -1.48 11.76
N GLY A 214 21.27 -1.51 10.45
CA GLY A 214 22.16 -2.28 9.60
C GLY A 214 21.57 -3.53 8.98
N ALA A 215 20.27 -3.52 8.74
CA ALA A 215 19.60 -4.63 8.10
C ALA A 215 20.29 -4.91 6.76
N ASP A 216 20.37 -6.17 6.37
CA ASP A 216 21.03 -6.59 5.14
C ASP A 216 20.19 -6.22 3.92
N ALA A 217 18.90 -6.01 4.12
CA ALA A 217 17.97 -5.62 3.06
C ALA A 217 16.68 -5.08 3.65
N GLY A 218 15.84 -4.54 2.78
CA GLY A 218 14.54 -4.02 3.17
C GLY A 218 14.16 -2.62 2.72
N TYR A 219 12.94 -2.22 3.04
CA TYR A 219 12.37 -0.93 2.70
C TYR A 219 11.42 -0.48 3.79
N VAL A 220 11.06 0.79 3.82
CA VAL A 220 10.06 1.29 4.77
C VAL A 220 8.79 0.95 3.99
N ILE A 221 8.24 -0.24 4.17
CA ILE A 221 7.04 -0.65 3.41
C ILE A 221 5.75 0.13 3.62
N ASP A 222 5.61 0.83 4.74
CA ASP A 222 4.41 1.63 4.99
C ASP A 222 4.28 2.81 4.04
N ALA A 223 5.38 3.26 3.44
CA ALA A 223 5.35 4.37 2.48
C ALA A 223 5.30 3.93 1.03
N VAL A 224 5.27 2.61 0.80
CA VAL A 224 5.24 2.04 -0.53
C VAL A 224 3.81 2.01 -1.05
N PRO A 225 3.57 2.46 -2.29
CA PRO A 225 2.21 2.38 -2.78
C PRO A 225 1.67 0.96 -2.59
N ALA A 226 0.43 0.85 -2.12
CA ALA A 226 -0.17 -0.45 -1.84
C ALA A 226 0.08 -1.61 -2.80
N ASP A 227 -0.03 -1.34 -4.09
CA ASP A 227 0.12 -2.33 -5.14
C ASP A 227 1.44 -3.09 -5.14
N PHE A 228 2.51 -2.43 -4.70
CA PHE A 228 3.87 -2.95 -4.74
C PHE A 228 4.47 -3.47 -3.45
N VAL A 229 3.68 -3.57 -2.39
CA VAL A 229 4.23 -4.03 -1.11
C VAL A 229 4.81 -5.44 -1.22
N SER A 230 4.02 -6.38 -1.71
CA SER A 230 4.49 -7.76 -1.84
C SER A 230 5.66 -7.86 -2.84
N GLY A 231 5.64 -7.04 -3.89
CA GLY A 231 6.71 -7.04 -4.90
C GLY A 231 8.07 -6.64 -4.35
N VAL A 232 8.11 -5.58 -3.53
CA VAL A 232 9.39 -5.09 -2.97
C VAL A 232 9.91 -6.06 -1.91
N VAL A 233 9.02 -6.68 -1.14
CA VAL A 233 9.44 -7.63 -0.11
C VAL A 233 10.06 -8.83 -0.83
N GLU A 234 9.46 -9.32 -1.91
CA GLU A 234 10.01 -10.42 -2.69
C GLU A 234 11.40 -10.04 -3.17
N LYS A 235 11.57 -8.84 -3.70
CA LYS A 235 12.89 -8.43 -4.18
C LYS A 235 13.94 -8.48 -3.07
N ALA A 236 13.58 -7.98 -1.89
CA ALA A 236 14.47 -7.97 -0.74
C ALA A 236 14.88 -9.38 -0.31
N VAL A 237 13.94 -10.32 -0.31
CA VAL A 237 14.28 -11.69 0.05
C VAL A 237 15.22 -12.29 -0.99
N LEU A 238 14.97 -12.06 -2.27
CA LEU A 238 15.82 -12.61 -3.32
C LEU A 238 17.18 -11.91 -3.36
N LYS A 239 17.30 -10.67 -2.89
CA LYS A 239 18.58 -9.97 -2.83
C LYS A 239 19.42 -10.69 -1.79
N LEU A 240 18.88 -10.97 -0.62
CA LEU A 240 19.63 -11.67 0.44
C LEU A 240 20.05 -13.06 -0.01
N GLU A 241 19.21 -13.73 -0.80
CA GLU A 241 19.57 -15.04 -1.32
C GLU A 241 20.80 -14.86 -2.21
N LYS A 242 20.77 -13.91 -3.15
CA LYS A 242 21.91 -13.67 -4.02
C LYS A 242 23.22 -13.35 -3.29
N THR A 243 23.20 -12.70 -2.13
CA THR A 243 24.43 -12.39 -1.42
C THR A 243 24.91 -13.52 -0.48
N GLY A 244 24.42 -14.74 -0.66
CA GLY A 244 24.83 -15.89 0.16
C GLY A 244 24.27 -16.18 1.54
N LYS A 245 23.19 -15.52 1.95
CA LYS A 245 22.60 -15.76 3.26
C LYS A 245 21.80 -17.05 3.22
N GLU A 246 21.89 -17.88 4.27
CA GLU A 246 21.18 -19.17 4.39
C GLU A 246 19.86 -19.05 5.14
N ILE A 247 19.60 -17.87 5.68
CA ILE A 247 18.37 -17.66 6.41
C ILE A 247 18.13 -16.18 6.58
N VAL A 248 16.84 -15.81 6.67
CA VAL A 248 16.44 -14.43 6.84
C VAL A 248 15.35 -14.26 7.91
N PHE A 249 15.50 -13.22 8.74
CA PHE A 249 14.55 -12.87 9.79
C PHE A 249 13.85 -11.65 9.21
N VAL A 250 12.53 -11.76 9.05
CA VAL A 250 11.71 -10.71 8.47
C VAL A 250 10.97 -9.96 9.57
N GLU A 251 11.23 -8.65 9.65
CA GLU A 251 10.58 -7.79 10.63
C GLU A 251 9.13 -7.62 10.24
N GLY A 252 8.18 -8.10 11.05
CA GLY A 252 6.77 -7.92 10.71
C GLY A 252 6.34 -6.48 10.92
N GLN A 253 5.15 -6.15 10.43
CA GLN A 253 4.52 -4.84 10.56
C GLN A 253 3.03 -5.06 10.78
N GLY A 254 2.50 -4.42 11.82
CA GLY A 254 1.09 -4.51 12.20
C GLY A 254 0.71 -5.94 12.54
N ALA A 255 -0.53 -6.29 12.20
CA ALA A 255 -1.08 -7.62 12.43
C ALA A 255 -2.17 -7.79 11.39
N LEU A 256 -2.45 -9.01 10.96
CA LEU A 256 -3.49 -9.25 9.95
C LEU A 256 -4.87 -8.80 10.38
N ARG A 257 -5.15 -8.97 11.65
CA ARG A 257 -6.43 -8.58 12.23
C ARG A 257 -6.56 -7.09 12.54
N HIS A 258 -5.51 -6.29 12.46
CA HIS A 258 -5.55 -4.86 12.76
C HIS A 258 -6.31 -4.19 11.61
N PRO A 259 -7.49 -3.61 11.84
CA PRO A 259 -8.21 -2.99 10.72
C PRO A 259 -7.53 -1.81 10.03
N ALA A 260 -6.63 -1.10 10.71
CA ALA A 260 -5.93 0.00 10.08
C ALA A 260 -4.69 -0.46 9.34
N TYR A 261 -4.11 -1.59 9.72
CA TYR A 261 -2.86 -2.07 9.11
C TYR A 261 -2.76 -3.47 8.54
N GLY A 262 -3.80 -4.29 8.62
CA GLY A 262 -3.74 -5.65 8.09
C GLY A 262 -3.25 -5.80 6.67
N GLN A 263 -3.65 -4.85 5.84
CA GLN A 263 -3.22 -4.82 4.45
C GLN A 263 -1.68 -4.90 4.35
N VAL A 264 -0.98 -4.14 5.19
CA VAL A 264 0.47 -4.13 5.19
C VAL A 264 1.04 -5.49 5.52
N THR A 265 0.48 -6.08 6.57
CA THR A 265 0.90 -7.40 7.04
C THR A 265 0.63 -8.46 5.99
N LEU A 266 -0.48 -8.37 5.26
CA LEU A 266 -0.76 -9.35 4.23
C LEU A 266 0.26 -9.24 3.07
N GLY A 267 0.55 -8.00 2.66
CA GLY A 267 1.53 -7.78 1.58
C GLY A 267 2.89 -8.37 1.96
N LEU A 268 3.22 -8.21 3.24
CA LEU A 268 4.49 -8.70 3.78
C LEU A 268 4.53 -10.23 3.77
N LEU A 269 3.44 -10.85 4.21
CA LEU A 269 3.32 -12.30 4.23
C LEU A 269 3.46 -12.90 2.83
N TYR A 270 2.72 -12.37 1.85
CA TYR A 270 2.80 -12.86 0.47
C TYR A 270 4.18 -12.65 -0.16
N GLY A 271 4.72 -11.47 0.09
CA GLY A 271 6.02 -11.08 -0.41
C GLY A 271 7.21 -11.88 0.06
N SER A 272 7.14 -12.33 1.31
CA SER A 272 8.26 -13.11 1.85
C SER A 272 8.01 -14.60 1.88
N ASN A 273 6.77 -15.07 1.75
CA ASN A 273 6.41 -16.49 1.74
C ASN A 273 7.20 -17.28 2.79
N PRO A 274 7.05 -16.91 4.07
CA PRO A 274 7.80 -17.58 5.15
C PRO A 274 7.54 -19.07 5.31
N ASP A 275 8.59 -19.78 5.70
CA ASP A 275 8.57 -21.20 5.94
C ASP A 275 8.01 -21.39 7.33
N VAL A 276 8.48 -20.56 8.27
CA VAL A 276 8.06 -20.58 9.67
C VAL A 276 7.88 -19.18 10.22
N VAL A 277 7.06 -19.04 11.26
CA VAL A 277 6.78 -17.77 11.87
C VAL A 277 6.82 -17.85 13.39
N PHE A 278 7.32 -16.78 13.99
CA PHE A 278 7.31 -16.60 15.44
C PHE A 278 6.30 -15.48 15.63
N LEU A 279 5.32 -15.70 16.50
CA LEU A 279 4.25 -14.73 16.71
C LEU A 279 4.37 -14.03 18.06
N VAL A 280 4.68 -12.74 17.99
CA VAL A 280 4.90 -11.90 19.17
C VAL A 280 3.55 -11.38 19.64
N HIS A 281 3.33 -11.45 20.94
CA HIS A 281 2.08 -11.02 21.52
C HIS A 281 2.18 -10.47 22.94
N ASP A 282 1.33 -9.48 23.20
CA ASP A 282 1.20 -8.83 24.50
C ASP A 282 -0.23 -9.19 24.93
N PRO A 283 -0.37 -10.06 25.95
CA PRO A 283 -1.69 -10.51 26.32
C PRO A 283 -2.51 -9.53 27.15
N SER A 284 -2.00 -8.36 27.52
CA SER A 284 -2.76 -7.41 28.33
C SER A 284 -3.61 -6.42 27.55
N ARG A 285 -3.44 -6.33 26.24
CA ARG A 285 -4.18 -5.35 25.44
C ARG A 285 -5.62 -5.76 25.15
N ASP A 286 -6.55 -4.94 25.63
CA ASP A 286 -7.98 -5.15 25.42
C ASP A 286 -8.47 -4.38 24.16
N HIS A 287 -7.56 -3.65 23.53
CA HIS A 287 -7.78 -2.87 22.30
CA HIS A 287 -7.75 -2.84 22.32
C HIS A 287 -6.44 -2.85 21.54
N PHE A 288 -6.45 -2.62 20.23
CA PHE A 288 -5.19 -2.55 19.49
C PHE A 288 -4.63 -1.22 20.00
N GLU A 289 -3.33 -1.16 20.27
CA GLU A 289 -2.68 0.04 20.80
C GLU A 289 -2.97 1.29 19.96
N SER A 290 -3.56 2.31 20.58
CA SER A 290 -3.95 3.61 20.02
C SER A 290 -5.30 3.66 19.30
N PHE A 291 -6.02 2.55 19.26
CA PHE A 291 -7.29 2.44 18.57
C PHE A 291 -8.41 2.09 19.53
N PRO A 292 -8.68 3.00 20.47
CA PRO A 292 -9.72 2.72 21.45
C PRO A 292 -11.15 2.64 20.89
N GLU A 293 -11.35 3.02 19.63
CA GLU A 293 -12.67 3.00 19.00
C GLU A 293 -12.94 1.93 17.95
N ILE A 294 -12.09 0.91 17.95
CA ILE A 294 -12.23 -0.26 17.09
C ILE A 294 -12.60 -1.33 18.12
N PRO A 295 -13.86 -1.83 18.10
CA PRO A 295 -14.26 -2.85 19.06
C PRO A 295 -13.64 -4.19 18.66
N LYS A 296 -12.33 -4.33 18.83
CA LYS A 296 -11.60 -5.52 18.46
C LYS A 296 -10.26 -5.46 19.19
N LYS A 297 -9.72 -6.60 19.63
CA LYS A 297 -8.47 -6.65 20.36
C LYS A 297 -7.49 -7.63 19.72
N PRO A 298 -6.18 -7.57 20.03
CA PRO A 298 -5.27 -8.55 19.47
C PRO A 298 -5.58 -9.93 20.01
N ASP A 299 -5.45 -10.99 19.20
CA ASP A 299 -5.76 -12.38 19.57
C ASP A 299 -4.75 -13.37 19.00
N PHE A 300 -3.95 -13.98 19.89
CA PHE A 300 -2.91 -14.90 19.45
C PHE A 300 -3.35 -16.04 18.54
N GLU A 301 -4.32 -16.85 18.96
CA GLU A 301 -4.80 -17.98 18.18
C GLU A 301 -5.47 -17.62 16.86
N GLU A 302 -6.14 -16.46 16.81
CA GLU A 302 -6.80 -16.02 15.58
C GLU A 302 -5.80 -15.50 14.55
N GLU A 303 -4.78 -14.80 15.03
CA GLU A 303 -3.74 -14.25 14.18
C GLU A 303 -3.00 -15.48 13.63
N ARG A 304 -2.67 -16.39 14.53
CA ARG A 304 -2.00 -17.62 14.12
C ARG A 304 -2.76 -18.39 13.06
N ARG A 305 -4.06 -18.51 13.30
CA ARG A 305 -4.92 -19.25 12.39
C ARG A 305 -4.93 -18.58 11.02
N LEU A 306 -5.05 -17.26 11.01
CA LEU A 306 -5.07 -16.46 9.78
C LEU A 306 -3.76 -16.54 9.01
N ILE A 307 -2.65 -16.44 9.74
CA ILE A 307 -1.34 -16.56 9.13
C ILE A 307 -1.20 -17.89 8.40
N GLU A 308 -1.61 -18.96 9.08
CA GLU A 308 -1.46 -20.30 8.51
C GLU A 308 -2.43 -20.63 7.37
N THR A 309 -3.63 -20.08 7.44
CA THR A 309 -4.67 -20.30 6.45
C THR A 309 -4.42 -19.45 5.20
N LEU A 310 -3.60 -18.40 5.26
CA LEU A 310 -3.30 -17.52 4.13
C LEU A 310 -1.97 -17.80 3.45
N SER A 311 -1.18 -18.74 3.98
CA SER A 311 0.14 -19.03 3.42
C SER A 311 0.54 -20.45 3.79
N ASN A 312 1.78 -20.83 3.48
CA ASN A 312 2.30 -22.16 3.83
C ASN A 312 3.19 -22.14 5.07
N ALA A 313 3.22 -21.01 5.75
CA ALA A 313 4.03 -20.85 6.93
C ALA A 313 3.45 -21.60 8.11
N LYS A 314 4.32 -22.13 8.95
CA LYS A 314 3.89 -22.80 10.16
C LYS A 314 4.27 -21.86 11.30
N VAL A 315 3.34 -21.55 12.20
CA VAL A 315 3.66 -20.71 13.35
C VAL A 315 4.24 -21.75 14.30
N ILE A 316 5.55 -21.67 14.52
CA ILE A 316 6.23 -22.62 15.38
C ILE A 316 6.44 -22.13 16.80
N GLY A 317 6.12 -20.87 17.11
CA GLY A 317 6.30 -20.43 18.49
C GLY A 317 5.71 -19.07 18.76
N GLY A 318 5.36 -18.83 20.01
CA GLY A 318 4.81 -17.57 20.47
C GLY A 318 6.00 -16.88 21.09
N VAL A 319 5.93 -15.56 21.20
CA VAL A 319 6.98 -14.78 21.79
C VAL A 319 6.35 -13.71 22.68
N SER A 320 6.91 -13.46 23.85
CA SER A 320 6.38 -12.40 24.70
C SER A 320 7.51 -11.62 25.34
N LEU A 321 7.31 -10.32 25.49
CA LEU A 321 8.27 -9.43 26.14
C LEU A 321 7.69 -8.96 27.48
N ASN A 322 6.44 -9.30 27.78
CA ASN A 322 5.73 -8.95 29.03
C ASN A 322 4.52 -9.82 29.46
N GLY A 323 4.86 -10.94 30.08
CA GLY A 323 3.81 -11.82 30.54
C GLY A 323 3.51 -12.89 29.51
N GLY A 324 3.29 -14.09 30.04
CA GLY A 324 3.00 -15.23 29.21
C GLY A 324 1.52 -15.32 28.93
N PHE A 325 1.19 -16.38 28.22
CA PHE A 325 -0.17 -16.62 27.82
C PHE A 325 -0.33 -18.08 27.47
N GLU A 326 -1.57 -18.51 27.50
CA GLU A 326 -1.87 -19.89 27.24
C GLU A 326 -1.89 -20.17 25.74
N THR A 327 -1.33 -21.30 25.30
CA THR A 327 -1.30 -21.72 23.90
C THR A 327 -0.59 -23.06 23.87
N ASP A 328 -0.91 -23.89 22.87
CA ASP A 328 -0.24 -25.17 22.72
C ASP A 328 1.22 -24.99 22.26
N LEU A 329 1.51 -23.88 21.60
CA LEU A 329 2.87 -23.57 21.13
C LEU A 329 3.78 -23.13 22.26
N PRO A 330 5.10 -23.35 22.09
CA PRO A 330 5.96 -22.83 23.15
C PRO A 330 6.00 -21.30 23.05
N VAL A 331 6.10 -20.63 24.20
CA VAL A 331 6.16 -19.18 24.29
C VAL A 331 7.59 -18.82 24.71
N TYR A 332 8.30 -18.24 23.76
CA TYR A 332 9.69 -17.85 23.96
C TYR A 332 9.90 -16.42 24.46
N ASP A 333 11.00 -16.18 25.16
CA ASP A 333 11.46 -14.89 25.68
C ASP A 333 12.67 -14.57 24.82
N PRO A 334 12.64 -13.50 23.99
CA PRO A 334 13.75 -13.16 23.08
C PRO A 334 15.00 -12.60 23.72
N PHE A 335 15.02 -12.43 25.04
CA PHE A 335 16.21 -11.98 25.75
C PHE A 335 16.83 -13.16 26.48
N ASN A 336 16.26 -14.35 26.34
CA ASN A 336 16.79 -15.57 26.96
C ASN A 336 17.66 -16.27 25.90
N THR A 337 18.94 -16.48 26.16
CA THR A 337 19.81 -17.08 25.14
C THR A 337 19.42 -18.53 24.83
N ASP A 338 18.87 -19.28 25.77
CA ASP A 338 18.46 -20.66 25.50
C ASP A 338 17.26 -20.63 24.54
N ASP A 339 16.33 -19.72 24.77
CA ASP A 339 15.19 -19.61 23.89
C ASP A 339 15.68 -19.21 22.50
N LEU A 340 16.63 -18.28 22.38
CA LEU A 340 17.15 -17.86 21.07
C LEU A 340 17.75 -19.08 20.37
N ASP A 341 18.61 -19.81 21.07
CA ASP A 341 19.18 -21.02 20.48
C ASP A 341 18.14 -22.05 20.07
N GLU A 342 17.08 -22.20 20.86
CA GLU A 342 16.04 -23.18 20.56
C GLU A 342 15.30 -22.74 19.33
N LEU A 344 16.25 -20.80 16.91
CA LEU A 344 17.13 -20.88 15.76
C LEU A 344 17.20 -22.31 15.26
N GLU A 345 17.58 -23.21 16.16
CA GLU A 345 17.71 -24.64 15.86
C GLU A 345 16.41 -25.14 15.22
N ARG A 346 15.25 -24.78 15.79
CA ARG A 346 13.97 -25.21 15.22
C ARG A 346 13.66 -24.63 13.84
N ALA A 347 14.11 -23.42 13.54
CA ALA A 347 13.85 -22.84 12.22
C ALA A 347 14.70 -23.45 11.12
N VAL A 349 15.55 -26.95 11.09
CA VAL A 349 15.40 -28.40 11.16
C VAL A 349 14.87 -28.87 9.82
N TRP A 350 13.82 -28.23 9.32
CA TRP A 350 13.23 -28.66 8.04
C TRP A 350 13.54 -27.57 7.04
N HIS B 12 -9.68 15.19 -0.80
CA HIS B 12 -10.68 16.25 -1.18
C HIS B 12 -11.01 16.34 -2.69
N ASP B 14 -13.10 15.43 -6.03
CA ASP B 14 -14.37 14.93 -6.53
C ASP B 14 -14.61 15.53 -7.90
N LEU B 15 -14.83 14.70 -8.93
CA LEU B 15 -15.08 15.23 -10.27
C LEU B 15 -16.41 15.99 -10.40
N TRP B 16 -17.41 15.57 -9.63
CA TRP B 16 -18.75 16.18 -9.64
C TRP B 16 -18.66 17.62 -9.15
N LYS B 17 -17.69 17.88 -8.28
CA LYS B 17 -17.40 19.24 -7.80
C LYS B 17 -16.75 20.03 -8.94
N LEU B 18 -15.90 19.43 -9.77
CA LEU B 18 -15.21 20.11 -10.86
C LEU B 18 -15.89 20.23 -12.25
N TYR B 19 -16.73 19.28 -12.63
CA TYR B 19 -17.37 19.34 -13.96
C TYR B 19 -18.87 19.22 -13.86
N GLN B 20 -19.52 19.95 -14.74
CA GLN B 20 -20.98 20.01 -14.76
C GLN B 20 -21.49 18.69 -15.35
N PRO B 21 -22.66 18.17 -14.96
CA PRO B 21 -23.12 16.92 -15.58
C PRO B 21 -23.32 17.10 -17.08
N GLY B 22 -22.78 16.20 -17.89
CA GLY B 22 -22.94 16.30 -19.33
C GLY B 22 -21.79 16.96 -20.07
N THR B 23 -20.71 17.29 -19.35
CA THR B 23 -19.52 17.89 -19.91
C THR B 23 -18.99 17.03 -21.06
N PRO B 24 -18.96 17.56 -22.30
CA PRO B 24 -18.49 16.82 -23.46
C PRO B 24 -17.01 16.43 -23.40
N ALA B 25 -16.73 15.14 -23.52
CA ALA B 25 -15.38 14.60 -23.44
C ALA B 25 -14.93 13.79 -24.64
N ALA B 26 -13.65 13.92 -24.98
CA ALA B 26 -12.99 13.19 -26.05
C ALA B 26 -12.22 12.13 -25.24
N ILE B 27 -12.34 10.85 -25.61
CA ILE B 27 -11.67 9.78 -24.86
C ILE B 27 -10.49 9.20 -25.62
N VAL B 28 -9.30 9.22 -25.05
CA VAL B 28 -8.10 8.70 -25.70
C VAL B 28 -7.94 7.18 -25.55
N ALA B 29 -7.97 6.47 -26.69
CA ALA B 29 -7.75 5.02 -26.71
C ALA B 29 -6.57 4.67 -27.61
N TRP B 30 -5.77 5.68 -27.99
CA TRP B 30 -4.64 5.56 -28.91
C TRP B 30 -3.77 4.32 -28.67
N GLY B 31 -3.58 3.55 -29.74
CA GLY B 31 -2.79 2.31 -29.72
C GLY B 31 -3.35 1.08 -29.05
N GLN B 32 -4.51 1.17 -28.40
CA GLN B 32 -5.14 0.07 -27.67
C GLN B 32 -6.60 -0.17 -28.01
N LEU B 33 -7.17 0.58 -28.95
CA LEU B 33 -8.57 0.43 -29.30
C LEU B 33 -8.76 -0.94 -29.91
N GLY B 34 -9.64 -1.74 -29.35
CA GLY B 34 -9.91 -3.10 -29.81
C GLY B 34 -9.14 -4.14 -29.02
N THR B 35 -8.51 -3.77 -27.91
CA THR B 35 -7.73 -4.68 -27.09
C THR B 35 -8.30 -4.64 -25.69
N ALA B 36 -7.88 -5.57 -24.84
CA ALA B 36 -8.34 -5.60 -23.45
C ALA B 36 -7.83 -4.40 -22.65
N HIS B 37 -6.71 -3.84 -23.11
CA HIS B 37 -6.07 -2.71 -22.45
C HIS B 37 -6.83 -1.39 -22.41
N ALA B 38 -7.81 -1.20 -23.29
CA ALA B 38 -8.58 0.04 -23.33
C ALA B 38 -9.89 -0.03 -22.54
N LYS B 39 -9.85 -0.77 -21.44
CA LYS B 39 -10.98 -0.99 -20.54
C LYS B 39 -11.61 0.33 -20.06
N THR B 40 -10.80 1.32 -19.74
CA THR B 40 -11.35 2.63 -19.32
C THR B 40 -12.22 3.24 -20.41
N THR B 41 -11.77 3.19 -21.67
CA THR B 41 -12.54 3.69 -22.80
C THR B 41 -13.87 2.93 -22.84
N TYR B 42 -13.81 1.62 -22.67
CA TYR B 42 -15.00 0.76 -22.71
C TYR B 42 -15.97 1.10 -21.59
N GLY B 43 -15.46 1.28 -20.36
CA GLY B 43 -16.29 1.63 -19.21
C GLY B 43 -17.04 2.91 -19.51
N LEU B 44 -16.36 3.92 -20.05
CA LEU B 44 -17.01 5.19 -20.40
C LEU B 44 -18.06 5.08 -21.51
N LEU B 45 -17.76 4.36 -22.60
CA LEU B 45 -18.73 4.23 -23.69
C LEU B 45 -19.98 3.44 -23.33
N ARG B 46 -19.87 2.63 -22.28
CA ARG B 46 -20.96 1.83 -21.76
C ARG B 46 -21.71 2.42 -20.57
N HIS B 47 -21.01 3.16 -19.71
CA HIS B 47 -21.63 3.69 -18.50
C HIS B 47 -21.25 5.10 -18.05
N SER B 48 -20.57 5.91 -18.85
CA SER B 48 -20.22 7.25 -18.37
C SER B 48 -21.49 7.94 -17.89
N ARG B 49 -21.43 8.49 -16.69
CA ARG B 49 -22.55 9.18 -16.09
C ARG B 49 -22.33 10.68 -15.91
N LEU B 50 -21.10 11.15 -15.74
CA LEU B 50 -20.77 12.56 -15.59
C LEU B 50 -20.49 13.16 -16.97
N PHE B 51 -19.43 12.69 -17.63
CA PHE B 51 -19.02 13.17 -18.95
C PHE B 51 -19.84 12.57 -20.09
N LYS B 52 -20.15 13.37 -21.10
CA LYS B 52 -20.88 12.94 -22.28
C LYS B 52 -19.83 12.62 -23.34
N PRO B 53 -19.66 11.34 -23.70
CA PRO B 53 -18.66 11.05 -24.72
C PRO B 53 -19.04 11.64 -26.05
N VAL B 54 -18.11 12.35 -26.66
CA VAL B 54 -18.27 12.99 -27.96
C VAL B 54 -17.54 12.27 -29.07
N CYS B 55 -16.36 11.74 -28.75
CA CYS B 55 -15.55 11.01 -29.72
C CYS B 55 -14.45 10.24 -29.02
N VAL B 56 -13.77 9.38 -29.77
CA VAL B 56 -12.67 8.60 -29.27
C VAL B 56 -11.48 9.05 -30.09
N VAL B 57 -10.38 9.32 -29.40
CA VAL B 57 -9.14 9.75 -30.03
C VAL B 57 -8.26 8.51 -30.17
N ALA B 58 -8.12 8.07 -31.42
CA ALA B 58 -7.32 6.92 -31.76
C ALA B 58 -6.89 7.06 -33.21
N GLU B 59 -5.86 6.31 -33.59
CA GLU B 59 -5.32 6.34 -34.95
C GLU B 59 -6.19 5.76 -36.07
N HIS B 60 -7.52 5.82 -36.01
CA HIS B 60 -8.40 5.25 -37.01
C HIS B 60 -9.47 6.23 -37.48
N GLU B 61 -9.00 7.14 -38.33
CA GLU B 61 -9.84 8.18 -38.93
C GLU B 61 -10.98 7.51 -39.73
N GLY B 62 -12.20 8.02 -39.63
CA GLY B 62 -13.37 7.51 -40.37
C GLY B 62 -14.20 6.35 -39.85
N LYS B 63 -13.77 5.76 -38.75
CA LYS B 63 -14.51 4.64 -38.16
C LYS B 63 -15.33 5.12 -36.97
N ALA B 65 -16.74 3.88 -32.87
CA ALA B 65 -16.33 3.12 -31.71
C ALA B 65 -16.82 1.68 -31.85
N SER B 66 -18.07 1.55 -32.28
CA SER B 66 -18.74 0.25 -32.49
C SER B 66 -17.99 -0.69 -33.45
N ASP B 67 -17.13 -0.16 -34.31
CA ASP B 67 -16.32 -0.98 -35.21
C ASP B 67 -15.16 -1.65 -34.47
N PHE B 68 -14.85 -1.29 -33.23
CA PHE B 68 -13.77 -1.89 -32.47
C PHE B 68 -14.24 -2.57 -31.19
N VAL B 69 -15.40 -2.15 -30.66
CA VAL B 69 -15.97 -2.70 -29.45
C VAL B 69 -17.50 -2.63 -29.57
N LYS B 70 -18.14 -3.73 -29.20
CA LYS B 70 -19.58 -3.96 -29.21
C LYS B 70 -19.96 -4.80 -28.00
N PRO B 71 -21.03 -4.46 -27.27
CA PRO B 71 -21.95 -3.35 -27.45
C PRO B 71 -21.43 -2.09 -26.73
N VAL B 72 -22.05 -0.96 -27.08
CA VAL B 72 -21.75 0.31 -26.45
C VAL B 72 -23.05 1.08 -26.25
N ARG B 73 -23.08 1.93 -25.24
CA ARG B 73 -24.21 2.81 -24.96
C ARG B 73 -23.99 4.10 -25.74
N TYR B 74 -22.77 4.64 -25.78
CA TYR B 74 -22.48 5.89 -26.50
C TYR B 74 -21.53 5.57 -27.66
N ASP B 75 -22.15 5.35 -28.83
CA ASP B 75 -21.35 5.06 -30.02
C ASP B 75 -20.97 6.46 -30.47
N VAL B 76 -19.68 6.67 -30.70
CA VAL B 76 -19.16 7.97 -31.13
C VAL B 76 -18.10 7.78 -32.22
N PRO B 77 -17.80 8.85 -32.96
CA PRO B 77 -16.78 8.68 -33.98
C PRO B 77 -15.37 8.58 -33.42
N VAL B 78 -14.49 7.99 -34.23
CA VAL B 78 -13.10 7.83 -33.90
C VAL B 78 -12.43 8.91 -34.74
N VAL B 79 -11.70 9.82 -34.10
CA VAL B 79 -10.97 10.90 -34.74
C VAL B 79 -9.51 10.67 -34.36
N SER B 80 -8.61 11.06 -35.26
CA SER B 80 -7.17 10.88 -35.10
C SER B 80 -6.39 12.08 -34.60
N SER B 81 -7.06 13.15 -34.20
CA SER B 81 -6.35 14.31 -33.66
C SER B 81 -7.21 15.01 -32.62
N VAL B 82 -6.51 15.69 -31.72
CA VAL B 82 -7.13 16.46 -30.65
C VAL B 82 -7.87 17.63 -31.26
N GLU B 83 -7.35 18.18 -32.35
CA GLU B 83 -7.96 19.31 -33.07
C GLU B 83 -9.37 18.95 -33.50
N LYS B 84 -9.51 17.79 -34.13
CA LYS B 84 -10.82 17.31 -34.61
C LYS B 84 -11.74 17.13 -33.41
N ALA B 85 -11.19 16.64 -32.30
CA ALA B 85 -11.97 16.46 -31.08
C ALA B 85 -12.55 17.79 -30.56
N LYS B 86 -11.77 18.85 -30.64
CA LYS B 86 -12.31 20.11 -30.13
C LYS B 86 -13.32 20.66 -31.14
N GLU B 87 -13.13 20.43 -32.45
CA GLU B 87 -14.09 20.88 -33.47
C GLU B 87 -15.48 20.33 -33.15
N GLY B 89 -16.79 20.00 -30.13
CA GLY B 89 -17.22 20.49 -28.82
C GLY B 89 -16.66 19.78 -27.61
N ALA B 90 -15.65 18.93 -27.77
CA ALA B 90 -15.08 18.27 -26.60
C ALA B 90 -14.36 19.34 -25.79
N GLU B 91 -14.69 19.39 -24.50
CA GLU B 91 -14.13 20.33 -23.55
C GLU B 91 -13.03 19.73 -22.68
N VAL B 92 -13.02 18.41 -22.51
CA VAL B 92 -11.98 17.73 -21.75
C VAL B 92 -11.47 16.53 -22.53
N LEU B 93 -10.24 16.14 -22.22
CA LEU B 93 -9.60 14.98 -22.83
C LEU B 93 -9.44 13.95 -21.72
N ILE B 94 -10.05 12.78 -21.84
CA ILE B 94 -9.94 11.72 -20.85
C ILE B 94 -8.99 10.65 -21.38
N ILE B 95 -8.05 10.22 -20.54
CA ILE B 95 -7.09 9.19 -20.90
C ILE B 95 -7.74 7.85 -20.61
N GLY B 96 -8.11 7.13 -21.66
CA GLY B 96 -8.75 5.82 -21.56
C GLY B 96 -7.93 4.61 -21.95
N VAL B 97 -6.63 4.63 -21.68
CA VAL B 97 -5.72 3.53 -21.97
C VAL B 97 -5.14 3.09 -20.64
N SER B 98 -4.60 1.87 -20.65
CA SER B 98 -4.02 1.27 -19.46
C SER B 98 -2.64 0.72 -19.81
N ASN B 99 -1.70 1.07 -18.93
CA ASN B 99 -0.25 0.84 -18.96
C ASN B 99 0.32 0.42 -20.33
N PRO B 100 0.62 1.46 -21.13
CA PRO B 100 1.18 1.26 -22.46
C PRO B 100 2.71 1.22 -22.43
N GLY B 101 3.32 0.86 -23.54
CA GLY B 101 4.78 0.85 -23.58
C GLY B 101 5.25 2.30 -23.56
N GLY B 102 6.54 2.51 -23.30
CA GLY B 102 7.08 3.85 -23.27
C GLY B 102 6.82 4.61 -24.55
N TYR B 103 6.83 3.92 -25.68
CA TYR B 103 6.59 4.49 -27.00
C TYR B 103 5.19 5.06 -27.12
N LEU B 104 4.20 4.26 -26.72
CA LEU B 104 2.82 4.71 -26.79
C LEU B 104 2.56 5.81 -25.76
N GLU B 105 3.18 5.68 -24.59
CA GLU B 105 3.06 6.67 -23.52
C GLU B 105 3.52 8.02 -24.06
N GLU B 106 4.58 8.06 -24.86
CA GLU B 106 5.07 9.30 -25.45
C GLU B 106 4.02 9.93 -26.38
N GLN B 107 3.36 9.12 -27.20
CA GLN B 107 2.33 9.60 -28.10
C GLN B 107 1.17 10.18 -27.31
N ILE B 108 0.85 9.54 -26.18
CA ILE B 108 -0.24 10.03 -25.34
C ILE B 108 0.12 11.36 -24.72
N ALA B 109 1.36 11.50 -24.23
CA ALA B 109 1.87 12.73 -23.65
C ALA B 109 1.75 13.88 -24.65
N THR B 110 1.92 13.58 -25.95
CA THR B 110 1.79 14.58 -27.01
C THR B 110 0.34 15.04 -27.08
N LEU B 111 -0.57 14.07 -27.01
CA LEU B 111 -2.01 14.33 -27.06
C LEU B 111 -2.43 15.23 -25.92
N VAL B 112 -1.93 14.94 -24.73
CA VAL B 112 -2.20 15.71 -23.51
C VAL B 112 -1.72 17.15 -23.67
N LYS B 113 -0.49 17.31 -24.14
CA LYS B 113 0.07 18.65 -24.33
C LYS B 113 -0.75 19.46 -25.33
N LYS B 114 -1.26 18.80 -26.37
CA LYS B 114 -2.06 19.48 -27.40
C LYS B 114 -3.38 19.97 -26.81
N ALA B 115 -4.04 19.05 -26.08
CA ALA B 115 -5.32 19.35 -25.45
C ALA B 115 -5.19 20.56 -24.51
N LEU B 116 -4.17 20.51 -23.64
CA LEU B 116 -3.91 21.59 -22.72
C LEU B 116 -3.67 22.90 -23.45
N SER B 117 -3.00 22.83 -24.59
CA SER B 117 -2.73 24.01 -25.42
C SER B 117 -3.93 24.48 -26.24
N LEU B 118 -4.97 23.69 -26.38
CA LEU B 118 -6.17 24.06 -27.13
C LEU B 118 -7.31 24.42 -26.17
N GLY B 119 -7.01 24.84 -24.95
CA GLY B 119 -8.04 25.21 -23.99
C GLY B 119 -8.87 24.10 -23.38
N ASP B 121 -9.18 20.75 -20.65
CA ASP B 121 -8.64 20.11 -19.46
C ASP B 121 -8.33 18.67 -19.84
N VAL B 122 -7.48 18.05 -19.03
CA VAL B 122 -7.10 16.66 -19.26
C VAL B 122 -7.34 15.91 -17.95
N ILE B 123 -8.02 14.78 -18.03
CA ILE B 123 -8.28 13.95 -16.86
C ILE B 123 -7.57 12.64 -17.18
N SER B 124 -6.65 12.27 -16.30
CA SER B 124 -5.82 11.08 -16.44
C SER B 124 -5.56 10.37 -15.14
N GLY B 125 -5.50 9.05 -15.22
CA GLY B 125 -5.20 8.22 -14.07
C GLY B 125 -4.00 7.37 -14.41
N LEU B 126 -3.23 7.75 -15.42
CA LEU B 126 -2.08 7.00 -15.89
C LEU B 126 -0.79 7.54 -15.27
N HIS B 127 0.11 6.63 -14.88
CA HIS B 127 1.39 7.03 -14.28
C HIS B 127 2.39 7.32 -15.38
N PHE B 128 2.71 8.61 -15.57
CA PHE B 128 3.67 9.12 -16.54
C PHE B 128 5.01 9.37 -15.83
N LYS B 129 6.06 9.64 -16.60
CA LYS B 129 7.38 9.90 -16.04
C LYS B 129 7.33 11.32 -15.48
N ILE B 130 8.17 11.63 -14.49
CA ILE B 130 8.25 12.96 -13.88
C ILE B 130 8.47 14.04 -14.94
N SER B 131 9.25 13.72 -15.96
CA SER B 131 9.52 14.67 -17.05
C SER B 131 8.24 15.13 -17.76
N GLN B 132 7.40 14.13 -18.04
CA GLN B 132 6.13 14.36 -18.72
C GLN B 132 5.22 15.12 -17.76
N GLN B 133 5.11 14.71 -16.50
CA GLN B 133 4.26 15.35 -15.48
C GLN B 133 4.60 16.82 -15.30
N THR B 134 5.88 17.13 -15.08
CA THR B 134 6.35 18.50 -14.91
C THR B 134 6.07 19.35 -16.16
N GLU B 135 6.25 18.73 -17.32
CA GLU B 135 6.00 19.47 -18.55
C GLU B 135 4.48 19.67 -18.71
N PHE B 136 3.63 18.78 -18.21
CA PHE B 136 2.18 18.96 -18.32
C PHE B 136 1.71 20.11 -17.44
N LEU B 137 2.24 20.18 -16.23
CA LEU B 137 1.90 21.27 -15.32
C LEU B 137 2.31 22.65 -15.87
N LYS B 138 3.42 22.75 -16.59
CA LYS B 138 3.90 24.01 -17.18
C LYS B 138 2.93 24.52 -18.26
N ILE B 139 2.61 23.62 -19.19
CA ILE B 139 1.69 23.88 -20.31
C ILE B 139 0.31 24.28 -19.78
N ALA B 140 -0.17 23.49 -18.84
CA ALA B 140 -1.45 23.73 -18.21
C ALA B 140 -1.54 25.15 -17.64
N HIS B 141 -0.59 25.44 -16.77
CA HIS B 141 -0.53 26.73 -16.08
C HIS B 141 -0.74 27.98 -16.93
N GLU B 142 -0.15 27.98 -18.11
CA GLU B 142 -0.11 28.98 -19.17
C GLU B 142 -1.31 29.14 -20.09
N ASN B 143 -2.28 28.23 -20.05
CA ASN B 143 -3.47 28.27 -20.87
C ASN B 143 -4.77 28.31 -20.05
N GLY B 144 -4.74 28.45 -18.72
CA GLY B 144 -5.96 28.50 -17.91
C GLY B 144 -6.73 27.21 -17.89
N THR B 145 -6.02 26.14 -18.23
CA THR B 145 -6.51 24.78 -18.28
C THR B 145 -5.89 24.05 -17.11
N ARG B 146 -6.44 22.88 -16.78
CA ARG B 146 -5.88 22.13 -15.66
C ARG B 146 -5.84 20.65 -16.01
N ILE B 147 -4.87 19.96 -15.40
CA ILE B 147 -4.69 18.53 -15.59
C ILE B 147 -5.09 17.90 -14.26
N ILE B 148 -6.17 17.12 -14.25
CA ILE B 148 -6.68 16.47 -13.05
C ILE B 148 -6.09 15.07 -13.03
N ASP B 149 -5.25 14.78 -12.02
CA ASP B 149 -4.62 13.49 -11.88
C ASP B 149 -5.37 12.76 -10.78
N ILE B 150 -6.22 11.83 -11.19
CA ILE B 150 -7.07 11.02 -10.31
C ILE B 150 -6.35 9.89 -9.59
N ARG B 151 -5.14 9.63 -10.04
CA ARG B 151 -4.34 8.56 -9.48
C ARG B 151 -3.53 8.99 -8.26
N ILE B 152 -3.02 10.22 -8.26
CA ILE B 152 -2.22 10.65 -7.12
C ILE B 152 -3.12 10.69 -5.89
N PRO B 153 -2.62 10.07 -4.81
CA PRO B 153 -3.44 10.05 -3.59
C PRO B 153 -3.36 11.39 -2.87
N PRO B 154 -4.37 11.72 -2.06
CA PRO B 154 -4.27 12.96 -1.27
C PRO B 154 -3.00 12.99 -0.38
N LEU B 155 -2.48 14.17 -0.07
CA LEU B 155 -1.28 14.34 0.80
C LEU B 155 -1.72 14.25 2.29
N GLU B 156 -2.91 14.78 2.60
CA GLU B 156 -3.50 14.81 3.94
C GLU B 156 -4.28 13.52 4.11
N LEU B 157 -3.59 12.53 4.69
CA LEU B 157 -4.11 11.18 4.92
C LEU B 157 -3.96 10.64 6.31
N ASP B 158 -4.89 9.78 6.69
CA ASP B 158 -4.88 9.15 8.01
C ASP B 158 -5.35 7.71 7.91
N VAL B 159 -4.94 6.93 8.88
CA VAL B 159 -5.29 5.53 8.97
C VAL B 159 -6.71 5.42 9.48
N LEU B 160 -7.30 4.25 9.28
CA LEU B 160 -8.65 3.98 9.75
C LEU B 160 -8.72 4.18 11.26
N ARG B 161 -9.70 4.96 11.72
CA ARG B 161 -9.89 5.23 13.15
C ARG B 161 -11.04 4.52 13.86
N GLY B 162 -11.97 3.93 13.12
CA GLY B 162 -13.11 3.22 13.71
C GLY B 162 -14.49 3.71 13.36
N GLY B 163 -14.62 4.86 12.70
CA GLY B 163 -15.93 5.37 12.31
C GLY B 163 -16.75 4.38 11.49
N ILE B 164 -16.10 3.50 10.71
CA ILE B 164 -16.77 2.48 9.88
C ILE B 164 -17.64 1.53 10.70
N TYR B 165 -17.24 1.31 11.95
CA TYR B 165 -17.98 0.45 12.88
C TYR B 165 -19.24 1.14 13.43
N ARG B 166 -19.42 2.45 13.25
CA ARG B 166 -20.61 3.16 13.71
C ARG B 166 -21.38 3.65 12.47
N LYS B 167 -21.23 2.94 11.35
CA LYS B 167 -21.88 3.35 10.12
C LYS B 167 -23.37 3.02 10.19
N LYS B 168 -24.16 3.77 9.43
CA LYS B 168 -25.60 3.55 9.28
C LYS B 168 -25.86 3.00 7.86
N ILE B 169 -25.19 3.51 6.84
CA ILE B 169 -25.36 3.11 5.44
C ILE B 169 -25.14 1.62 5.20
N LYS B 170 -25.95 1.01 4.34
CA LYS B 170 -25.85 -0.41 4.01
C LYS B 170 -24.69 -0.51 3.01
N VAL B 171 -23.78 -1.45 3.24
CA VAL B 171 -22.59 -1.59 2.38
C VAL B 171 -22.56 -2.96 1.71
N VAL B 172 -22.48 -2.91 0.38
CA VAL B 172 -22.46 -4.09 -0.47
C VAL B 172 -21.12 -4.12 -1.16
N GLY B 173 -20.34 -5.15 -0.83
CA GLY B 173 -19.00 -5.35 -1.39
C GLY B 173 -19.16 -6.19 -2.63
N VAL B 174 -18.55 -5.80 -3.74
CA VAL B 174 -18.62 -6.59 -4.98
C VAL B 174 -17.18 -7.05 -5.15
N PHE B 175 -16.89 -8.23 -4.63
CA PHE B 175 -15.53 -8.80 -4.65
C PHE B 175 -15.41 -9.85 -5.74
N GLY B 176 -14.20 -10.35 -5.89
CA GLY B 176 -13.91 -11.37 -6.90
C GLY B 176 -12.81 -12.33 -6.51
N THR B 177 -12.70 -13.42 -7.25
CA THR B 177 -11.69 -14.45 -7.02
C THR B 177 -10.36 -14.19 -7.73
N ASP B 178 -10.40 -13.16 -8.58
CA ASP B 178 -9.24 -12.72 -9.35
C ASP B 178 -9.49 -11.26 -9.73
N CYS B 179 -8.48 -10.71 -10.39
CA CYS B 179 -8.58 -9.39 -10.96
C CYS B 179 -9.30 -9.60 -12.28
N VAL B 180 -9.78 -8.51 -12.88
CA VAL B 180 -10.38 -8.56 -14.22
C VAL B 180 -11.41 -9.66 -14.46
N VAL B 181 -12.40 -9.78 -13.57
CA VAL B 181 -13.47 -10.78 -13.66
C VAL B 181 -14.89 -10.23 -13.84
N GLY B 182 -15.04 -8.92 -13.72
CA GLY B 182 -16.35 -8.29 -13.80
C GLY B 182 -16.83 -7.66 -12.50
N LYS B 183 -15.95 -7.45 -11.51
CA LYS B 183 -16.29 -6.82 -10.24
C LYS B 183 -16.92 -5.43 -10.50
N ARG B 184 -16.19 -4.59 -11.23
CA ARG B 184 -16.66 -3.25 -11.52
C ARG B 184 -17.94 -3.28 -12.36
N THR B 185 -17.97 -4.14 -13.38
CA THR B 185 -19.19 -4.27 -14.17
C THR B 185 -20.40 -4.64 -13.32
N THR B 186 -20.21 -5.58 -12.40
CA THR B 186 -21.27 -6.02 -11.50
C THR B 186 -21.71 -4.87 -10.59
N ALA B 187 -20.75 -4.15 -10.02
CA ALA B 187 -21.09 -3.01 -9.15
C ALA B 187 -21.88 -1.93 -9.91
N VAL B 188 -21.45 -1.60 -11.13
CA VAL B 188 -22.12 -0.57 -11.93
C VAL B 188 -23.51 -1.00 -12.37
N GLN B 189 -23.65 -2.26 -12.78
CA GLN B 189 -24.95 -2.75 -13.17
C GLN B 189 -25.96 -2.64 -12.01
N LEU B 190 -25.49 -2.96 -10.80
CA LEU B 190 -26.33 -2.87 -9.60
C LEU B 190 -26.70 -1.44 -9.31
N TRP B 191 -25.69 -0.57 -9.32
CA TRP B 191 -25.87 0.86 -9.06
C TRP B 191 -26.89 1.49 -10.01
N GLU B 192 -26.73 1.27 -11.31
CA GLU B 192 -27.67 1.80 -12.30
C GLU B 192 -29.09 1.27 -12.07
N ARG B 193 -29.19 0.02 -11.64
CA ARG B 193 -30.50 -0.60 -11.42
C ARG B 193 -31.20 0.00 -10.21
N ALA B 194 -30.43 0.26 -9.17
CA ALA B 194 -30.95 0.88 -7.94
C ALA B 194 -31.44 2.29 -8.24
N LEU B 195 -30.63 3.08 -8.95
CA LEU B 195 -30.98 4.45 -9.33
C LEU B 195 -32.27 4.47 -10.14
N GLU B 196 -32.39 3.60 -11.14
CA GLU B 196 -33.58 3.50 -11.97
C GLU B 196 -34.81 3.21 -11.12
N LYS B 197 -34.62 2.52 -9.99
CA LYS B 197 -35.74 2.22 -9.10
C LYS B 197 -35.93 3.33 -8.06
N GLY B 198 -35.26 4.47 -8.15
CA GLY B 198 -35.46 5.50 -7.14
C GLY B 198 -34.71 5.33 -5.82
N ILE B 199 -33.84 4.33 -5.73
CA ILE B 199 -33.04 4.09 -4.52
C ILE B 199 -31.88 5.09 -4.49
N LYS B 200 -31.59 5.70 -3.34
CA LYS B 200 -30.51 6.68 -3.15
C LYS B 200 -29.23 5.86 -3.01
N ALA B 201 -28.73 5.40 -4.16
CA ALA B 201 -27.58 4.52 -4.23
C ALA B 201 -26.29 5.20 -4.66
N GLY B 202 -25.23 4.81 -3.96
CA GLY B 202 -23.89 5.32 -4.18
C GLY B 202 -22.98 4.22 -4.69
N PHE B 203 -22.00 4.63 -5.50
CA PHE B 203 -20.99 3.77 -6.08
C PHE B 203 -19.65 4.31 -5.57
N LEU B 204 -18.91 3.43 -4.91
CA LEU B 204 -17.61 3.75 -4.35
C LEU B 204 -16.64 3.06 -5.29
N ALA B 205 -15.93 3.85 -6.09
CA ALA B 205 -14.95 3.35 -7.06
C ALA B 205 -13.60 3.19 -6.39
N THR B 206 -12.79 2.25 -6.88
CA THR B 206 -11.47 1.98 -6.31
C THR B 206 -10.31 1.95 -7.31
N GLY B 207 -10.62 2.32 -8.55
CA GLY B 207 -9.69 2.38 -9.65
C GLY B 207 -10.06 3.46 -10.66
N GLN B 208 -9.15 3.67 -11.59
CA GLN B 208 -9.25 4.62 -12.69
CA GLN B 208 -9.30 4.71 -12.61
C GLN B 208 -10.64 4.66 -13.34
N THR B 209 -11.05 3.52 -13.89
CA THR B 209 -12.33 3.48 -14.61
C THR B 209 -13.55 3.84 -13.78
N GLY B 210 -13.67 3.27 -12.59
CA GLY B 210 -14.81 3.58 -11.72
C GLY B 210 -14.97 5.06 -11.47
N ILE B 211 -13.87 5.75 -11.20
CA ILE B 211 -13.90 7.18 -10.93
C ILE B 211 -14.35 7.95 -12.17
N LEU B 212 -13.76 7.68 -13.34
CA LEU B 212 -14.09 8.37 -14.58
C LEU B 212 -15.53 8.19 -15.03
N ILE B 213 -16.12 7.04 -14.71
CA ILE B 213 -17.51 6.76 -15.04
C ILE B 213 -18.48 7.64 -14.29
N GLY B 214 -18.06 8.23 -13.18
CA GLY B 214 -18.94 9.08 -12.39
C GLY B 214 -19.26 8.51 -11.02
N ALA B 215 -18.40 7.70 -10.43
CA ALA B 215 -18.65 7.19 -9.09
C ALA B 215 -18.90 8.36 -8.13
N ASP B 216 -19.71 8.14 -7.11
CA ASP B 216 -20.05 9.18 -6.12
C ASP B 216 -18.89 9.41 -5.15
N ALA B 217 -17.98 8.45 -5.04
CA ALA B 217 -16.82 8.57 -4.17
C ALA B 217 -15.77 7.53 -4.53
N GLY B 218 -14.61 7.65 -3.90
CA GLY B 218 -13.52 6.71 -4.11
C GLY B 218 -12.16 7.26 -4.49
N TYR B 219 -11.19 6.36 -4.59
CA TYR B 219 -9.82 6.71 -4.93
C TYR B 219 -9.24 5.55 -5.69
N VAL B 220 -8.06 5.75 -6.27
CA VAL B 220 -7.33 4.69 -6.95
C VAL B 220 -6.56 4.15 -5.75
N ILE B 221 -7.14 3.17 -5.05
CA ILE B 221 -6.49 2.63 -3.84
C ILE B 221 -5.17 1.91 -4.06
N ASP B 222 -4.90 1.38 -5.25
CA ASP B 222 -3.63 0.68 -5.49
C ASP B 222 -2.43 1.64 -5.43
N ALA B 223 -2.65 2.94 -5.58
CA ALA B 223 -1.59 3.95 -5.53
C ALA B 223 -1.45 4.61 -4.16
N VAL B 224 -2.27 4.20 -3.20
CA VAL B 224 -2.26 4.76 -1.86
C VAL B 224 -1.21 4.02 -1.03
N PRO B 225 -0.40 4.74 -0.24
CA PRO B 225 0.58 4.03 0.60
C PRO B 225 -0.13 2.99 1.45
N ALA B 226 0.44 1.79 1.54
CA ALA B 226 -0.14 0.66 2.27
C ALA B 226 -0.89 0.96 3.55
N ASP B 227 -0.25 1.73 4.43
CA ASP B 227 -0.85 2.09 5.72
C ASP B 227 -2.23 2.73 5.74
N PHE B 228 -2.53 3.45 4.66
CA PHE B 228 -3.77 4.22 4.59
C PHE B 228 -4.91 3.66 3.75
N VAL B 229 -4.75 2.47 3.19
CA VAL B 229 -5.80 1.95 2.34
C VAL B 229 -7.15 1.85 3.06
N SER B 230 -7.19 1.17 4.21
CA SER B 230 -8.44 1.04 4.95
C SER B 230 -8.97 2.41 5.41
N GLY B 231 -8.09 3.34 5.76
CA GLY B 231 -8.52 4.67 6.20
C GLY B 231 -9.22 5.50 5.14
N VAL B 232 -8.73 5.42 3.91
CA VAL B 232 -9.30 6.15 2.80
C VAL B 232 -10.68 5.60 2.41
N VAL B 233 -10.82 4.28 2.48
CA VAL B 233 -12.06 3.61 2.14
C VAL B 233 -13.08 3.94 3.23
N GLU B 234 -12.65 4.01 4.49
CA GLU B 234 -13.54 4.35 5.58
C GLU B 234 -14.09 5.76 5.35
N LYS B 235 -13.22 6.71 4.97
CA LYS B 235 -13.67 8.08 4.73
C LYS B 235 -14.70 8.17 3.61
N ALA B 236 -14.47 7.45 2.52
CA ALA B 236 -15.38 7.50 1.40
C ALA B 236 -16.74 6.94 1.74
N VAL B 237 -16.79 5.88 2.56
CA VAL B 237 -18.08 5.29 2.94
C VAL B 237 -18.86 6.20 3.88
N LEU B 238 -18.18 6.89 4.79
CA LEU B 238 -18.84 7.79 5.70
C LEU B 238 -19.29 9.04 4.94
N LYS B 239 -18.54 9.44 3.91
CA LYS B 239 -18.90 10.60 3.10
C LYS B 239 -20.25 10.27 2.46
N LEU B 240 -20.34 9.12 1.79
CA LEU B 240 -21.63 8.73 1.16
C LEU B 240 -22.80 8.66 2.16
N GLU B 241 -22.53 8.23 3.39
CA GLU B 241 -23.54 8.20 4.43
C GLU B 241 -23.98 9.62 4.82
N LYS B 242 -23.02 10.52 5.04
CA LYS B 242 -23.21 11.92 5.41
C LYS B 242 -24.01 12.65 4.32
N THR B 243 -23.81 12.32 3.04
CA THR B 243 -24.57 12.96 1.96
C THR B 243 -25.96 12.31 1.75
N GLY B 244 -26.40 11.42 2.63
CA GLY B 244 -27.71 10.77 2.57
C GLY B 244 -28.01 9.50 1.80
N LYS B 245 -26.99 8.82 1.30
CA LYS B 245 -27.21 7.59 0.55
C LYS B 245 -27.59 6.49 1.54
N GLU B 246 -28.51 5.62 1.16
CA GLU B 246 -29.01 4.51 1.98
C GLU B 246 -28.28 3.20 1.71
N ILE B 247 -27.53 3.10 0.62
CA ILE B 247 -26.77 1.90 0.27
C ILE B 247 -25.60 2.24 -0.62
N VAL B 248 -24.53 1.45 -0.54
CA VAL B 248 -23.37 1.69 -1.39
C VAL B 248 -22.82 0.38 -1.97
N PHE B 249 -22.41 0.43 -3.23
CA PHE B 249 -21.85 -0.69 -3.99
C PHE B 249 -20.36 -0.37 -4.09
N VAL B 250 -19.53 -1.22 -3.49
CA VAL B 250 -18.09 -1.02 -3.44
C VAL B 250 -17.39 -1.85 -4.50
N GLU B 251 -16.69 -1.16 -5.40
CA GLU B 251 -15.96 -1.82 -6.45
C GLU B 251 -14.77 -2.54 -5.82
N GLY B 252 -14.72 -3.87 -5.90
CA GLY B 252 -13.58 -4.58 -5.35
C GLY B 252 -12.35 -4.36 -6.20
N GLN B 253 -11.20 -4.76 -5.66
CA GLN B 253 -9.89 -4.72 -6.32
C GLN B 253 -9.15 -6.01 -6.00
N GLY B 254 -8.63 -6.69 -7.02
CA GLY B 254 -7.89 -7.94 -6.84
C GLY B 254 -8.72 -9.02 -6.16
N ALA B 255 -8.03 -9.80 -5.34
CA ALA B 255 -8.63 -10.88 -4.57
C ALA B 255 -7.72 -11.12 -3.37
N LEU B 256 -8.28 -11.56 -2.25
CA LEU B 256 -7.47 -11.80 -1.06
C LEU B 256 -6.36 -12.80 -1.29
N ARG B 257 -6.67 -13.83 -2.08
CA ARG B 257 -5.73 -14.88 -2.38
C ARG B 257 -4.69 -14.52 -3.45
N HIS B 258 -4.81 -13.39 -4.13
CA HIS B 258 -3.87 -12.99 -5.18
C HIS B 258 -2.55 -12.54 -4.51
N PRO B 259 -1.45 -13.28 -4.66
CA PRO B 259 -0.21 -12.86 -3.99
C PRO B 259 0.36 -11.49 -4.31
N ALA B 260 0.08 -10.97 -5.48
CA ALA B 260 0.56 -9.63 -5.84
C ALA B 260 -0.39 -8.52 -5.38
N TYR B 261 -1.67 -8.82 -5.18
CA TYR B 261 -2.68 -7.82 -4.80
C TYR B 261 -3.57 -8.03 -3.57
N GLY B 262 -3.51 -9.17 -2.88
CA GLY B 262 -4.36 -9.39 -1.70
C GLY B 262 -4.37 -8.25 -0.69
N GLN B 263 -3.20 -7.68 -0.45
CA GLN B 263 -3.07 -6.56 0.48
C GLN B 263 -4.10 -5.48 0.18
N VAL B 264 -4.25 -5.13 -1.10
CA VAL B 264 -5.18 -4.08 -1.48
C VAL B 264 -6.60 -4.50 -1.13
N THR B 265 -6.95 -5.73 -1.46
CA THR B 265 -8.26 -6.28 -1.19
C THR B 265 -8.54 -6.28 0.32
N LEU B 266 -7.54 -6.58 1.14
CA LEU B 266 -7.76 -6.61 2.58
C LEU B 266 -7.99 -5.19 3.12
N GLY B 267 -7.25 -4.20 2.61
CA GLY B 267 -7.45 -2.83 3.05
C GLY B 267 -8.86 -2.38 2.73
N LEU B 268 -9.33 -2.78 1.56
CA LEU B 268 -10.66 -2.45 1.08
C LEU B 268 -11.74 -3.08 1.98
N LEU B 269 -11.56 -4.36 2.30
CA LEU B 269 -12.50 -5.08 3.14
C LEU B 269 -12.61 -4.44 4.51
N TYR B 270 -11.48 -4.16 5.16
CA TYR B 270 -11.50 -3.51 6.46
C TYR B 270 -12.06 -2.09 6.44
N GLY B 271 -11.68 -1.32 5.43
CA GLY B 271 -12.13 0.06 5.28
C GLY B 271 -13.61 0.25 5.00
N SER B 272 -14.25 -0.70 4.32
CA SER B 272 -15.66 -0.61 3.99
C SER B 272 -16.57 -1.43 4.90
N ASN B 273 -16.03 -2.40 5.64
CA ASN B 273 -16.80 -3.23 6.57
C ASN B 273 -18.15 -3.64 5.97
N PRO B 274 -18.16 -4.34 4.83
CA PRO B 274 -19.41 -4.74 4.21
C PRO B 274 -20.31 -5.66 5.00
N ASP B 275 -21.60 -5.45 4.80
CA ASP B 275 -22.68 -6.21 5.41
C ASP B 275 -22.80 -7.50 4.64
N VAL B 276 -22.83 -7.36 3.32
CA VAL B 276 -22.96 -8.48 2.39
C VAL B 276 -22.00 -8.32 1.21
N VAL B 277 -21.64 -9.44 0.61
CA VAL B 277 -20.71 -9.46 -0.52
C VAL B 277 -21.17 -10.35 -1.64
N PHE B 278 -20.98 -9.87 -2.87
CA PHE B 278 -21.29 -10.63 -4.07
C PHE B 278 -19.90 -10.97 -4.57
N LEU B 279 -19.67 -12.25 -4.85
CA LEU B 279 -18.36 -12.72 -5.28
C LEU B 279 -18.32 -13.11 -6.76
N VAL B 280 -17.61 -12.29 -7.54
CA VAL B 280 -17.48 -12.48 -8.98
C VAL B 280 -16.40 -13.51 -9.24
N HIS B 281 -16.66 -14.42 -10.17
CA HIS B 281 -15.71 -15.50 -10.45
C HIS B 281 -15.81 -16.01 -11.88
N ASP B 282 -14.63 -16.34 -12.41
CA ASP B 282 -14.48 -16.88 -13.75
C ASP B 282 -13.91 -18.27 -13.45
N PRO B 283 -14.76 -19.30 -13.61
CA PRO B 283 -14.33 -20.66 -13.32
C PRO B 283 -13.40 -21.27 -14.36
N SER B 284 -13.15 -20.61 -15.48
CA SER B 284 -12.27 -21.24 -16.47
C SER B 284 -10.80 -20.97 -16.17
N ARG B 285 -10.45 -20.07 -15.25
CA ARG B 285 -9.04 -19.75 -15.04
C ARG B 285 -8.23 -20.77 -14.25
N ASP B 286 -7.13 -21.22 -14.84
CA ASP B 286 -6.21 -22.18 -14.24
C ASP B 286 -5.11 -21.44 -13.49
N HIS B 287 -5.01 -20.12 -13.63
CA HIS B 287 -4.01 -19.27 -12.95
C HIS B 287 -4.59 -17.87 -12.76
N PHE B 288 -4.01 -17.04 -11.91
CA PHE B 288 -4.52 -15.67 -11.83
C PHE B 288 -4.08 -15.02 -13.13
N GLU B 289 -5.02 -14.33 -13.79
CA GLU B 289 -4.79 -13.64 -15.06
C GLU B 289 -3.49 -12.84 -15.06
N SER B 290 -2.62 -13.12 -16.02
CA SER B 290 -1.30 -12.49 -16.22
C SER B 290 -0.21 -12.95 -15.27
N PHE B 291 -0.49 -13.91 -14.39
CA PHE B 291 0.50 -14.39 -13.45
C PHE B 291 0.69 -15.89 -13.65
N PRO B 292 1.14 -16.29 -14.85
CA PRO B 292 1.31 -17.73 -15.08
C PRO B 292 2.44 -18.40 -14.30
N GLU B 293 3.34 -17.61 -13.71
CA GLU B 293 4.48 -18.11 -12.93
C GLU B 293 4.16 -18.18 -11.44
N ILE B 294 2.95 -17.83 -11.01
CA ILE B 294 2.55 -17.97 -9.63
C ILE B 294 1.80 -19.31 -9.59
N PRO B 295 2.30 -20.31 -8.85
CA PRO B 295 1.62 -21.61 -8.76
C PRO B 295 0.41 -21.61 -7.82
N LYS B 296 -0.59 -20.83 -8.21
CA LYS B 296 -1.83 -20.71 -7.45
C LYS B 296 -2.90 -20.26 -8.43
N LYS B 297 -4.16 -20.42 -8.07
CA LYS B 297 -5.22 -19.95 -8.96
C LYS B 297 -6.47 -19.47 -8.24
N PRO B 298 -7.35 -18.72 -8.93
CA PRO B 298 -8.59 -18.30 -8.29
C PRO B 298 -9.39 -19.52 -7.80
N ASP B 299 -10.00 -19.38 -6.63
CA ASP B 299 -10.76 -20.44 -5.97
C ASP B 299 -11.95 -19.78 -5.28
N PHE B 300 -13.14 -20.10 -5.78
CA PHE B 300 -14.35 -19.48 -5.25
C PHE B 300 -14.56 -19.72 -3.74
N GLU B 301 -14.60 -20.99 -3.34
CA GLU B 301 -14.86 -21.36 -1.94
C GLU B 301 -13.85 -20.83 -0.94
N GLU B 302 -12.58 -20.89 -1.34
CA GLU B 302 -11.50 -20.41 -0.50
C GLU B 302 -11.55 -18.91 -0.29
N GLU B 303 -11.83 -18.18 -1.36
CA GLU B 303 -11.95 -16.73 -1.30
C GLU B 303 -13.13 -16.38 -0.42
N ARG B 304 -14.24 -17.06 -0.65
CA ARG B 304 -15.44 -16.85 0.14
C ARG B 304 -15.15 -17.10 1.61
N ARG B 305 -14.54 -18.24 1.87
CA ARG B 305 -14.20 -18.59 3.23
C ARG B 305 -13.35 -17.48 3.85
N LEU B 306 -12.31 -17.03 3.15
CA LEU B 306 -11.44 -15.96 3.67
C LEU B 306 -12.09 -14.61 3.88
N ILE B 307 -13.04 -14.24 3.03
CA ILE B 307 -13.77 -12.98 3.21
C ILE B 307 -14.57 -13.03 4.52
N GLU B 308 -15.33 -14.10 4.69
CA GLU B 308 -16.18 -14.29 5.86
C GLU B 308 -15.36 -14.43 7.13
N THR B 309 -14.24 -15.15 7.08
CA THR B 309 -13.44 -15.33 8.30
C THR B 309 -12.60 -14.12 8.71
N LEU B 310 -12.47 -13.09 7.86
CA LEU B 310 -11.71 -11.86 8.10
C LEU B 310 -12.58 -10.62 8.30
N SER B 311 -13.88 -10.75 8.17
CA SER B 311 -14.77 -9.61 8.34
C SER B 311 -16.07 -10.17 8.88
N ASN B 312 -17.06 -9.30 8.98
CA ASN B 312 -18.41 -9.70 9.37
C ASN B 312 -19.28 -9.78 8.13
N ALA B 313 -18.70 -9.72 6.93
CA ALA B 313 -19.52 -9.79 5.72
C ALA B 313 -20.02 -11.20 5.48
N LYS B 314 -21.18 -11.29 4.85
CA LYS B 314 -21.74 -12.59 4.49
C LYS B 314 -21.71 -12.59 2.96
N VAL B 315 -21.15 -13.64 2.37
CA VAL B 315 -21.08 -13.77 0.91
C VAL B 315 -22.47 -14.33 0.59
N ILE B 316 -23.33 -13.50 0.04
CA ILE B 316 -24.70 -13.96 -0.23
C ILE B 316 -24.88 -14.48 -1.64
N GLY B 317 -23.89 -14.32 -2.52
CA GLY B 317 -24.10 -14.84 -3.86
C GLY B 317 -22.83 -14.86 -4.69
N GLY B 318 -22.84 -15.71 -5.71
CA GLY B 318 -21.73 -15.82 -6.63
C GLY B 318 -22.20 -15.07 -7.86
N VAL B 319 -21.26 -14.64 -8.71
CA VAL B 319 -21.59 -13.92 -9.93
C VAL B 319 -20.70 -14.45 -11.04
N SER B 320 -21.26 -14.66 -12.22
CA SER B 320 -20.48 -15.12 -13.35
C SER B 320 -20.85 -14.39 -14.63
N LEU B 321 -19.85 -14.11 -15.45
CA LEU B 321 -20.06 -13.48 -16.75
C LEU B 321 -19.81 -14.50 -17.86
N ASN B 322 -19.34 -15.71 -17.54
CA ASN B 322 -19.03 -16.76 -18.52
C ASN B 322 -19.03 -18.17 -17.95
N GLY B 323 -20.22 -18.74 -17.87
CA GLY B 323 -20.36 -20.10 -17.36
C GLY B 323 -20.61 -20.14 -15.87
N GLY B 324 -21.44 -21.10 -15.48
CA GLY B 324 -21.84 -21.33 -14.11
C GLY B 324 -20.79 -22.20 -13.41
N PHE B 325 -21.03 -22.43 -12.13
CA PHE B 325 -20.12 -23.23 -11.32
C PHE B 325 -20.91 -23.76 -10.13
N GLU B 326 -20.41 -24.85 -9.56
CA GLU B 326 -21.09 -25.45 -8.43
C GLU B 326 -20.79 -24.67 -7.16
N THR B 327 -21.80 -24.48 -6.31
CA THR B 327 -21.74 -23.80 -5.03
C THR B 327 -23.12 -23.85 -4.40
N ASP B 328 -23.17 -23.82 -3.07
CA ASP B 328 -24.46 -23.81 -2.39
C ASP B 328 -25.11 -22.43 -2.58
N LEU B 329 -24.34 -21.37 -2.81
CA LEU B 329 -24.89 -20.03 -3.04
C LEU B 329 -25.51 -19.86 -4.43
N PRO B 330 -26.46 -18.94 -4.57
CA PRO B 330 -26.98 -18.74 -5.92
C PRO B 330 -25.88 -18.06 -6.75
N VAL B 331 -25.87 -18.37 -8.04
CA VAL B 331 -24.92 -17.79 -8.98
C VAL B 331 -25.69 -16.87 -9.94
N TYR B 332 -25.47 -15.57 -9.75
CA TYR B 332 -26.13 -14.51 -10.50
C TYR B 332 -25.43 -14.05 -11.77
N ASP B 333 -26.19 -13.63 -12.77
CA ASP B 333 -25.72 -13.09 -14.05
C ASP B 333 -26.00 -11.60 -13.94
N PRO B 334 -24.98 -10.73 -14.01
CA PRO B 334 -25.20 -9.30 -13.83
C PRO B 334 -25.82 -8.56 -15.00
N PHE B 335 -26.14 -9.26 -16.09
CA PHE B 335 -26.80 -8.70 -17.26
C PHE B 335 -28.26 -9.14 -17.26
N ASN B 336 -28.69 -9.91 -16.28
CA ASN B 336 -30.03 -10.40 -16.19
C ASN B 336 -30.80 -9.50 -15.23
N THR B 337 -31.86 -8.83 -15.69
CA THR B 337 -32.61 -7.90 -14.85
C THR B 337 -33.23 -8.56 -13.63
N ASP B 338 -33.68 -9.81 -13.73
CA ASP B 338 -34.23 -10.48 -12.55
C ASP B 338 -33.16 -10.70 -11.51
N ASP B 339 -31.98 -11.10 -11.98
CA ASP B 339 -30.86 -11.29 -11.06
C ASP B 339 -30.47 -9.98 -10.39
N LEU B 340 -30.44 -8.87 -11.13
CA LEU B 340 -30.11 -7.57 -10.57
C LEU B 340 -31.14 -7.19 -9.51
N ASP B 341 -32.42 -7.38 -9.81
CA ASP B 341 -33.48 -7.11 -8.85
C ASP B 341 -33.34 -7.98 -7.61
N GLU B 342 -33.04 -9.26 -7.79
CA GLU B 342 -32.93 -10.20 -6.69
C GLU B 342 -31.77 -9.83 -5.77
N LEU B 344 -30.29 -6.97 -5.42
CA LEU B 344 -30.57 -5.70 -4.80
C LEU B 344 -31.52 -5.85 -3.62
N GLU B 345 -32.64 -6.53 -3.82
CA GLU B 345 -33.63 -6.80 -2.79
C GLU B 345 -32.98 -7.55 -1.62
N ARG B 346 -32.19 -8.58 -1.89
CA ARG B 346 -31.53 -9.33 -0.82
C ARG B 346 -30.53 -8.47 -0.04
N ALA B 347 -29.85 -7.52 -0.68
CA ALA B 347 -28.90 -6.66 0.01
C ALA B 347 -29.56 -5.55 0.81
N VAL B 349 -32.86 -5.57 2.07
CA VAL B 349 -33.59 -6.20 3.15
C VAL B 349 -32.66 -6.64 4.25
N TRP B 350 -31.47 -7.12 3.92
CA TRP B 350 -30.49 -7.61 4.90
C TRP B 350 -30.41 -6.80 6.21
#